data_4UFW
#
_entry.id   4UFW
#
_cell.length_a   57.520
_cell.length_b   121.910
_cell.length_c   178.800
_cell.angle_alpha   90.00
_cell.angle_beta   90.00
_cell.angle_gamma   90.00
#
_symmetry.space_group_name_H-M   'P 21 21 21'
#
loop_
_entity.id
_entity.type
_entity.pdbx_description
1 polymer 'GLYCYLPEPTIDE N-TETRADECANOYLTRANSFERASE'
2 non-polymer 2-oxopentadecyl-CoA
3 non-polymer 4-chloranyl-N-[2-(3-methoxyphenyl)ethanimidoyl]-2-piperidin-4-yloxy-benzamide
4 non-polymer 'SULFATE ION'
5 non-polymer 'MAGNESIUM ION'
6 non-polymer 'CHLORIDE ION'
7 non-polymer 'DIMETHYL SULFOXIDE'
8 water water
#
_entity_poly.entity_id   1
_entity_poly.type   'polypeptide(L)'
_entity_poly.pdbx_seq_one_letter_code
;MDYKFWYTQPVPKINDEFNESVNEPFISDNKVEDVRKDEYKLPPGYSWYVCDVKDEKDRSEIYTLLTDNYVEDDDNIFRF
NYSAEFLLWALTSPNYLKTWHIGVKYDASNKLIGFISAIPTDICIHKRTIKMAEVNFLCVHKTLRSKRLAPVLIKEITRR
INLENIWQAIYTAGVYLPKPVSDARYYHRSINVKKLIEIGFSSLNSRLTMSRAIKLYRVEDTLNIKNMRLMKKKDVEGVH
KLLGSYLEQFNLYAVFTKEEIAHWFLPIENVIYTYVNEENGKIKDMISFYSLPSQILGNDKYSTLNAAYSFYNVTTTATF
KQLMQDAILLAKRNNFDVFNALEVMQNKSVFEDLKFGEGDGSLKYYLYNWKCASFAPAHVGIVLL
;
_entity_poly.pdbx_strand_id   A,B,C
#
loop_
_chem_comp.id
_chem_comp.type
_chem_comp.name
_chem_comp.formula
7Y6 non-polymer 4-chloranyl-N-[2-(3-methoxyphenyl)ethanimidoyl]-2-piperidin-4-yloxy-benzamide 'C21 H24 Cl N3 O3'
CL non-polymer 'CHLORIDE ION' 'Cl -1'
DMS non-polymer 'DIMETHYL SULFOXIDE' 'C2 H6 O S'
MG non-polymer 'MAGNESIUM ION' 'Mg 2'
NHW non-polymer 2-oxopentadecyl-CoA 'C36 H64 N7 O17 P3 S'
SO4 non-polymer 'SULFATE ION' 'O4 S -2'
#
# COMPACT_ATOMS: atom_id res chain seq x y z
N MET A 1 -16.17 37.15 -10.18
CA MET A 1 -15.22 36.68 -11.23
C MET A 1 -13.96 37.58 -11.43
N ASP A 2 -13.95 38.79 -10.85
CA ASP A 2 -12.75 39.65 -10.88
C ASP A 2 -11.75 39.32 -9.77
N TYR A 3 -12.25 38.72 -8.68
CA TYR A 3 -11.49 38.44 -7.44
C TYR A 3 -10.54 39.54 -7.08
N LYS A 4 -11.12 40.71 -6.83
CA LYS A 4 -10.36 41.89 -6.57
C LYS A 4 -9.59 41.79 -5.26
N PHE A 5 -10.22 41.13 -4.26
CA PHE A 5 -9.45 40.85 -3.01
C PHE A 5 -8.55 39.65 -3.20
N TRP A 6 -9.10 38.54 -3.70
CA TRP A 6 -8.34 37.34 -3.74
C TRP A 6 -7.06 37.42 -4.53
N TYR A 7 -7.13 38.21 -5.62
CA TYR A 7 -5.96 38.37 -6.47
C TYR A 7 -4.84 39.15 -5.80
N THR A 8 -5.10 39.82 -4.68
CA THR A 8 -3.98 40.43 -3.94
C THR A 8 -3.24 39.50 -2.97
N GLN A 9 -3.70 38.26 -2.85
CA GLN A 9 -3.34 37.26 -1.81
C GLN A 9 -2.47 36.19 -2.48
N PRO A 10 -1.58 35.54 -1.70
CA PRO A 10 -0.69 34.50 -2.27
C PRO A 10 -1.51 33.19 -2.44
N VAL A 11 -2.40 33.18 -3.45
CA VAL A 11 -3.20 32.00 -3.87
C VAL A 11 -3.04 31.96 -5.38
N PRO A 12 -3.33 30.80 -5.98
CA PRO A 12 -3.16 30.74 -7.44
C PRO A 12 -4.19 31.61 -8.14
N LYS A 13 -3.76 32.17 -9.27
CA LYS A 13 -4.68 32.70 -10.28
C LYS A 13 -5.60 31.61 -10.83
N ILE A 14 -6.78 32.01 -11.34
CA ILE A 14 -7.78 31.04 -11.85
C ILE A 14 -7.22 30.16 -12.98
N ASN A 15 -6.18 30.61 -13.69
CA ASN A 15 -5.54 29.80 -14.75
C ASN A 15 -4.23 29.13 -14.41
N ASP A 16 -3.82 29.24 -13.16
CA ASP A 16 -2.57 28.59 -12.73
C ASP A 16 -2.72 27.06 -12.70
N GLU A 17 -1.80 26.33 -13.33
CA GLU A 17 -1.80 24.90 -13.14
CA GLU A 17 -1.79 24.87 -13.33
C GLU A 17 -0.37 24.47 -12.92
N PHE A 18 -0.19 23.64 -11.88
CA PHE A 18 1.16 23.28 -11.43
C PHE A 18 1.46 21.80 -11.58
N ASN A 19 2.70 21.49 -12.00
CA ASN A 19 3.19 20.12 -12.08
CA ASN A 19 2.97 20.07 -12.10
C ASN A 19 3.15 19.39 -10.76
N GLU A 20 3.11 18.04 -10.80
CA GLU A 20 3.15 17.25 -9.55
C GLU A 20 4.37 17.50 -8.68
N SER A 21 5.47 17.94 -9.29
CA SER A 21 6.71 18.13 -8.58
C SER A 21 6.84 19.51 -7.91
N VAL A 22 5.85 20.37 -8.15
CA VAL A 22 5.81 21.67 -7.48
C VAL A 22 4.98 21.55 -6.24
N ASN A 23 5.59 21.86 -5.11
CA ASN A 23 4.96 21.68 -3.78
CA ASN A 23 4.93 21.72 -3.82
C ASN A 23 5.68 22.61 -2.79
N GLU A 24 5.25 23.87 -2.73
CA GLU A 24 6.00 24.91 -2.03
C GLU A 24 5.12 26.14 -1.83
N PRO A 25 5.53 27.05 -0.91
CA PRO A 25 4.76 28.28 -0.68
C PRO A 25 4.83 29.19 -1.90
N PHE A 26 3.80 30.06 -2.07
CA PHE A 26 3.93 31.17 -3.03
C PHE A 26 4.98 32.17 -2.53
N ILE A 27 4.97 32.47 -1.24
CA ILE A 27 5.96 33.45 -0.65
C ILE A 27 6.70 32.78 0.50
N SER A 28 7.99 32.52 0.32
CA SER A 28 8.83 31.87 1.31
CA SER A 28 8.75 31.87 1.38
C SER A 28 9.66 32.87 2.14
N ASP A 29 10.38 32.39 3.17
CA ASP A 29 11.33 33.26 3.98
C ASP A 29 10.57 34.44 4.55
N ASN A 30 9.41 34.14 5.11
CA ASN A 30 8.65 35.13 5.83
C ASN A 30 9.29 35.41 7.19
N LYS A 31 9.05 36.60 7.74
CA LYS A 31 9.68 37.00 9.04
C LYS A 31 8.60 37.51 10.01
N VAL A 32 8.44 36.80 11.13
CA VAL A 32 7.54 37.23 12.15
C VAL A 32 7.80 38.67 12.59
N GLU A 33 9.09 39.04 12.64
CA GLU A 33 9.47 40.40 13.06
C GLU A 33 8.86 41.55 12.17
N ASP A 34 8.42 41.20 10.94
CA ASP A 34 7.99 42.18 9.95
C ASP A 34 6.46 42.27 9.97
N VAL A 35 5.77 41.42 10.75
CA VAL A 35 4.31 41.34 10.63
C VAL A 35 3.73 42.57 11.30
N ARG A 36 2.71 43.14 10.65
CA ARG A 36 2.02 44.31 11.21
C ARG A 36 1.63 44.00 12.64
N LYS A 37 1.86 44.97 13.55
CA LYS A 37 1.43 44.87 14.92
C LYS A 37 0.09 45.55 15.25
N ASP A 38 -0.44 46.27 14.29
CA ASP A 38 -1.67 47.03 14.47
C ASP A 38 -2.86 46.22 13.91
N GLU A 39 -3.97 46.15 14.65
CA GLU A 39 -5.24 45.60 14.10
C GLU A 39 -5.68 46.34 12.84
N TYR A 40 -6.22 45.57 11.92
CA TYR A 40 -6.83 46.10 10.71
C TYR A 40 -8.01 47.06 11.08
N LYS A 41 -8.20 48.07 10.25
CA LYS A 41 -9.14 49.14 10.49
CA LYS A 41 -9.14 49.13 10.52
C LYS A 41 -10.53 48.66 10.11
N LEU A 42 -11.44 48.86 11.00
CA LEU A 42 -12.81 48.47 10.78
C LEU A 42 -13.62 49.68 10.41
N PRO A 43 -14.81 49.51 9.81
CA PRO A 43 -15.58 50.76 9.59
C PRO A 43 -16.00 51.49 10.88
N PRO A 44 -16.27 52.82 10.81
CA PRO A 44 -16.64 53.56 12.03
C PRO A 44 -17.81 52.86 12.83
N GLY A 45 -17.69 52.82 14.16
CA GLY A 45 -18.74 52.22 14.99
C GLY A 45 -18.76 50.71 15.12
N TYR A 46 -17.68 50.08 14.62
CA TYR A 46 -17.43 48.66 14.85
C TYR A 46 -16.02 48.42 15.46
N SER A 47 -15.92 47.36 16.26
CA SER A 47 -14.75 47.06 17.09
C SER A 47 -14.44 45.60 17.04
N TRP A 48 -13.14 45.33 17.04
CA TRP A 48 -12.71 43.94 17.27
C TRP A 48 -13.09 43.47 18.70
N TYR A 49 -13.30 42.17 18.86
CA TYR A 49 -13.67 41.68 20.17
C TYR A 49 -13.03 40.35 20.29
N VAL A 50 -12.31 40.06 21.37
CA VAL A 50 -11.75 38.66 21.47
C VAL A 50 -12.74 37.79 22.22
N CYS A 51 -13.22 36.75 21.56
CA CYS A 51 -14.32 35.91 22.13
C CYS A 51 -13.63 34.89 22.99
N ASP A 52 -14.22 34.66 24.16
CA ASP A 52 -13.77 33.52 25.00
C ASP A 52 -14.73 32.36 24.80
N VAL A 53 -14.34 31.39 23.96
CA VAL A 53 -15.24 30.35 23.62
C VAL A 53 -15.51 29.40 24.80
N LYS A 54 -14.60 29.41 25.79
CA LYS A 54 -14.79 28.73 27.07
C LYS A 54 -15.75 29.42 28.06
N ASP A 55 -16.15 30.63 27.75
CA ASP A 55 -17.12 31.30 28.56
C ASP A 55 -18.48 31.05 27.96
N GLU A 56 -19.39 30.46 28.73
CA GLU A 56 -20.75 30.20 28.20
C GLU A 56 -21.38 31.38 27.51
N LYS A 57 -21.30 32.55 28.12
CA LYS A 57 -22.00 33.71 27.52
C LYS A 57 -21.42 34.19 26.18
N ASP A 58 -20.07 34.32 26.10
CA ASP A 58 -19.42 34.59 24.78
C ASP A 58 -19.71 33.53 23.75
N ARG A 59 -19.70 32.28 24.19
CA ARG A 59 -19.97 31.14 23.28
C ARG A 59 -21.39 31.23 22.78
N SER A 60 -22.31 31.65 23.66
N SER A 60 -22.31 31.66 23.65
CA SER A 60 -23.71 31.86 23.27
CA SER A 60 -23.69 31.83 23.22
C SER A 60 -23.88 32.94 22.22
C SER A 60 -23.88 32.96 22.21
N GLU A 61 -23.06 34.00 22.31
CA GLU A 61 -23.12 35.08 21.36
C GLU A 61 -22.69 34.59 19.99
N ILE A 62 -21.61 33.80 19.90
CA ILE A 62 -21.13 33.31 18.58
C ILE A 62 -22.26 32.39 18.00
N TYR A 63 -22.86 31.52 18.85
CA TYR A 63 -23.90 30.54 18.52
C TYR A 63 -25.01 31.34 17.90
N THR A 64 -25.40 32.41 18.61
CA THR A 64 -26.59 33.16 18.07
C THR A 64 -26.25 33.70 16.66
N LEU A 65 -25.10 34.31 16.51
CA LEU A 65 -24.71 34.90 15.23
C LEU A 65 -24.70 33.90 14.08
N LEU A 66 -24.11 32.75 14.34
CA LEU A 66 -24.16 31.62 13.36
C LEU A 66 -25.59 31.07 13.13
N THR A 67 -26.35 30.86 14.19
CA THR A 67 -27.75 30.34 13.99
C THR A 67 -28.53 31.20 13.00
N ASP A 68 -28.40 32.51 13.12
CA ASP A 68 -29.22 33.45 12.28
C ASP A 68 -28.59 33.80 10.97
N ASN A 69 -27.26 33.60 10.84
CA ASN A 69 -26.50 34.20 9.75
C ASN A 69 -25.51 33.34 9.03
N TYR A 70 -25.46 32.04 9.36
CA TYR A 70 -24.43 31.19 8.73
C TYR A 70 -24.97 30.54 7.43
N VAL A 71 -24.28 29.54 6.90
CA VAL A 71 -24.50 28.99 5.55
C VAL A 71 -25.88 28.40 5.36
N GLU A 72 -26.48 28.71 4.21
CA GLU A 72 -27.82 28.13 3.82
C GLU A 72 -27.54 27.33 2.61
N ASP A 73 -28.44 26.41 2.33
CA ASP A 73 -28.35 25.59 1.11
C ASP A 73 -28.74 26.54 -0.05
N ASP A 74 -28.54 26.04 -1.29
CA ASP A 74 -28.76 26.83 -2.50
CA ASP A 74 -28.74 26.83 -2.49
C ASP A 74 -30.17 27.40 -2.62
N ASP A 75 -31.13 26.72 -2.02
CA ASP A 75 -32.49 27.15 -2.14
C ASP A 75 -33.02 27.92 -0.94
N ASN A 76 -32.15 28.18 0.03
CA ASN A 76 -32.57 28.86 1.27
C ASN A 76 -33.77 28.29 1.99
N ILE A 77 -33.80 26.95 2.07
CA ILE A 77 -34.75 26.14 2.82
C ILE A 77 -34.16 25.79 4.19
N PHE A 78 -32.82 25.62 4.22
CA PHE A 78 -32.13 25.16 5.46
C PHE A 78 -31.00 26.12 5.77
N ARG A 79 -30.66 26.18 7.03
CA ARG A 79 -29.46 26.87 7.49
C ARG A 79 -28.69 26.00 8.51
N PHE A 80 -27.35 25.88 8.36
CA PHE A 80 -26.59 25.09 9.34
C PHE A 80 -26.80 25.65 10.74
N ASN A 81 -26.88 24.82 11.77
CA ASN A 81 -27.18 25.22 13.12
C ASN A 81 -26.19 24.46 14.04
N TYR A 82 -24.90 24.77 13.91
CA TYR A 82 -23.90 24.23 14.82
C TYR A 82 -24.29 24.53 16.28
N SER A 83 -24.22 23.52 17.15
CA SER A 83 -24.58 23.70 18.57
C SER A 83 -23.45 24.45 19.26
N ALA A 84 -23.80 25.08 20.38
CA ALA A 84 -22.76 25.67 21.22
C ALA A 84 -21.69 24.70 21.59
N GLU A 85 -22.10 23.49 21.98
CA GLU A 85 -21.14 22.57 22.48
C GLU A 85 -20.24 22.14 21.34
N PHE A 86 -20.82 22.01 20.11
CA PHE A 86 -19.97 21.66 18.93
C PHE A 86 -18.94 22.79 18.76
N LEU A 87 -19.39 24.02 18.89
CA LEU A 87 -18.41 25.13 18.71
C LEU A 87 -17.24 25.07 19.75
N LEU A 88 -17.58 24.76 20.97
CA LEU A 88 -16.61 24.65 22.03
C LEU A 88 -15.57 23.58 21.51
N TRP A 89 -16.04 22.38 21.16
CA TRP A 89 -15.13 21.29 20.67
C TRP A 89 -14.34 21.68 19.46
N ALA A 90 -15.03 22.25 18.47
CA ALA A 90 -14.34 22.75 17.24
C ALA A 90 -13.20 23.73 17.49
N LEU A 91 -13.29 24.53 18.55
CA LEU A 91 -12.39 25.72 18.66
C LEU A 91 -11.32 25.63 19.72
N THR A 92 -11.40 24.58 20.54
CA THR A 92 -10.52 24.38 21.71
C THR A 92 -9.72 23.12 21.64
N SER A 93 -9.33 22.78 20.44
CA SER A 93 -8.52 21.62 20.17
C SER A 93 -7.08 21.90 20.72
N PRO A 94 -6.17 20.90 20.71
CA PRO A 94 -4.82 21.12 21.31
C PRO A 94 -4.09 22.31 20.77
N ASN A 95 -3.58 23.13 21.70
CA ASN A 95 -2.77 24.33 21.37
CA ASN A 95 -2.81 24.25 21.25
C ASN A 95 -3.50 25.47 20.67
N TYR A 96 -4.82 25.42 20.84
CA TYR A 96 -5.64 26.47 20.32
C TYR A 96 -5.21 27.80 20.95
N LEU A 97 -5.37 28.87 20.14
N LEU A 97 -5.50 28.88 20.23
CA LEU A 97 -5.22 30.25 20.60
CA LEU A 97 -5.14 30.22 20.67
C LEU A 97 -6.61 30.89 20.74
C LEU A 97 -6.41 31.08 20.70
N LYS A 98 -6.86 31.43 21.91
CA LYS A 98 -8.01 32.37 22.13
C LYS A 98 -7.94 33.57 21.14
N THR A 99 -6.73 34.01 20.81
CA THR A 99 -6.64 35.23 19.99
C THR A 99 -6.91 34.96 18.50
N TRP A 100 -7.07 33.68 18.13
CA TRP A 100 -7.56 33.31 16.81
C TRP A 100 -9.06 33.14 16.78
N HIS A 101 -9.76 33.59 17.81
CA HIS A 101 -11.27 33.45 17.82
C HIS A 101 -11.78 34.90 17.85
N ILE A 102 -12.04 35.47 16.66
CA ILE A 102 -12.07 36.96 16.48
C ILE A 102 -13.50 37.42 16.19
N GLY A 103 -14.10 38.21 17.09
CA GLY A 103 -15.40 38.83 16.74
C GLY A 103 -15.31 40.27 16.28
N VAL A 104 -16.43 40.78 15.72
CA VAL A 104 -16.56 42.19 15.51
C VAL A 104 -17.89 42.57 16.05
N LYS A 105 -17.89 43.64 16.87
CA LYS A 105 -19.14 44.15 17.49
C LYS A 105 -19.53 45.47 16.89
N TYR A 106 -20.83 45.69 16.83
CA TYR A 106 -21.33 47.01 16.56
C TYR A 106 -21.35 47.77 17.90
N ASP A 107 -20.60 48.87 18.01
CA ASP A 107 -20.39 49.50 19.32
C ASP A 107 -21.70 49.96 19.98
N ALA A 108 -22.56 50.60 19.20
CA ALA A 108 -23.84 51.16 19.76
C ALA A 108 -24.81 50.11 20.37
N SER A 109 -24.90 48.90 19.78
CA SER A 109 -25.73 47.77 20.31
C SER A 109 -24.95 46.81 21.24
N ASN A 110 -23.61 46.82 21.12
CA ASN A 110 -22.74 45.88 21.83
C ASN A 110 -22.96 44.45 21.33
N LYS A 111 -23.45 44.32 20.11
CA LYS A 111 -23.91 43.05 19.59
C LYS A 111 -22.84 42.51 18.64
N LEU A 112 -22.59 41.20 18.70
CA LEU A 112 -21.65 40.59 17.74
C LEU A 112 -22.23 40.46 16.34
N ILE A 113 -21.53 41.01 15.35
CA ILE A 113 -22.06 41.05 13.98
C ILE A 113 -21.12 40.35 12.95
N GLY A 114 -19.96 39.89 13.42
CA GLY A 114 -19.05 39.21 12.51
C GLY A 114 -18.20 38.29 13.34
N PHE A 115 -17.73 37.18 12.70
CA PHE A 115 -16.80 36.27 13.38
C PHE A 115 -15.84 35.65 12.33
N ILE A 116 -14.68 35.24 12.81
CA ILE A 116 -13.79 34.33 11.99
C ILE A 116 -12.98 33.51 13.02
N SER A 117 -12.67 32.21 12.78
CA SER A 117 -11.83 31.49 13.72
C SER A 117 -10.73 30.71 12.99
N ALA A 118 -9.71 30.36 13.72
CA ALA A 118 -8.74 29.35 13.26
C ALA A 118 -8.26 28.49 14.43
N ILE A 119 -7.79 27.27 14.10
CA ILE A 119 -7.05 26.44 15.05
C ILE A 119 -5.78 25.98 14.36
N PRO A 120 -4.71 25.68 15.12
CA PRO A 120 -3.48 25.08 14.52
C PRO A 120 -3.60 23.63 14.25
N THR A 121 -2.99 23.18 13.17
N THR A 121 -3.20 23.22 13.05
CA THR A 121 -2.98 21.75 12.87
CA THR A 121 -3.17 21.80 12.62
C THR A 121 -1.90 21.49 11.84
C THR A 121 -1.82 21.55 11.88
N ASP A 122 -1.26 20.35 11.99
CA ASP A 122 -0.18 19.96 11.03
C ASP A 122 -0.86 19.27 9.85
N ILE A 123 -0.55 19.76 8.65
CA ILE A 123 -1.26 19.33 7.46
C ILE A 123 -0.18 18.80 6.51
N CYS A 124 -0.38 17.58 6.05
CA CYS A 124 0.55 16.96 5.08
C CYS A 124 -0.08 17.11 3.68
N ILE A 125 0.60 17.88 2.85
CA ILE A 125 0.19 18.09 1.45
C ILE A 125 1.29 17.48 0.55
N HIS A 126 0.92 16.49 -0.26
CA HIS A 126 1.91 15.84 -1.18
CA HIS A 126 1.90 15.91 -1.21
C HIS A 126 3.19 15.49 -0.40
N LYS A 127 2.99 14.84 0.78
CA LYS A 127 4.13 14.28 1.56
C LYS A 127 5.09 15.35 2.16
N ARG A 128 4.60 16.57 2.31
CA ARG A 128 5.34 17.55 3.14
C ARG A 128 4.38 18.00 4.22
N THR A 129 4.85 17.88 5.46
CA THR A 129 4.07 18.31 6.61
C THR A 129 4.40 19.75 6.97
N ILE A 130 3.34 20.53 7.09
CA ILE A 130 3.44 21.96 7.26
C ILE A 130 2.54 22.39 8.44
N LYS A 131 3.03 23.25 9.34
CA LYS A 131 2.17 23.84 10.40
CA LYS A 131 2.16 23.83 10.40
C LYS A 131 1.21 24.79 9.72
N MET A 132 -0.07 24.63 9.96
CA MET A 132 -1.06 25.47 9.23
C MET A 132 -2.09 25.91 10.21
N ALA A 133 -2.93 26.82 9.78
CA ALA A 133 -4.17 27.14 10.49
C ALA A 133 -5.32 26.56 9.71
N GLU A 134 -6.28 25.98 10.42
CA GLU A 134 -7.50 25.64 9.74
C GLU A 134 -8.54 26.72 10.03
N VAL A 135 -9.09 27.34 8.99
CA VAL A 135 -9.93 28.55 9.17
C VAL A 135 -11.42 28.14 8.96
N ASN A 136 -12.27 28.56 9.88
CA ASN A 136 -13.69 28.13 9.82
C ASN A 136 -14.54 29.13 10.48
N PHE A 137 -15.82 29.02 10.19
CA PHE A 137 -16.85 29.88 10.84
C PHE A 137 -16.77 31.38 10.46
N LEU A 138 -16.25 31.71 9.29
CA LEU A 138 -16.33 33.13 8.83
C LEU A 138 -17.81 33.46 8.63
N CYS A 139 -18.25 34.50 9.29
CA CYS A 139 -19.65 34.88 9.21
C CYS A 139 -19.78 36.37 9.38
N VAL A 140 -20.58 36.99 8.50
CA VAL A 140 -20.98 38.42 8.65
C VAL A 140 -22.53 38.47 8.72
N HIS A 141 -23.05 39.28 9.64
CA HIS A 141 -24.51 39.45 9.80
C HIS A 141 -25.20 39.68 8.45
N LYS A 142 -26.38 39.07 8.26
CA LYS A 142 -27.09 39.22 7.03
C LYS A 142 -27.34 40.71 6.62
N THR A 143 -27.49 41.57 7.64
CA THR A 143 -27.76 42.99 7.36
C THR A 143 -26.56 43.76 6.85
N LEU A 144 -25.36 43.13 6.96
CA LEU A 144 -24.12 43.85 6.61
C LEU A 144 -23.36 43.23 5.45
N ARG A 145 -24.05 42.47 4.63
CA ARG A 145 -23.42 41.80 3.49
C ARG A 145 -23.03 42.75 2.33
N SER A 146 -21.92 42.42 1.67
CA SER A 146 -21.39 42.99 0.47
C SER A 146 -20.88 44.38 0.76
N LYS A 147 -20.45 44.59 2.00
CA LYS A 147 -19.72 45.78 2.40
C LYS A 147 -18.22 45.60 2.56
N ARG A 148 -17.68 44.51 2.02
CA ARG A 148 -16.23 44.24 2.12
C ARG A 148 -15.74 44.01 3.56
N LEU A 149 -16.64 43.61 4.46
CA LEU A 149 -16.17 43.16 5.82
C LEU A 149 -15.37 41.90 5.78
N ALA A 150 -15.66 40.99 4.84
CA ALA A 150 -15.07 39.67 4.92
C ALA A 150 -13.52 39.78 4.69
N PRO A 151 -13.09 40.58 3.70
CA PRO A 151 -11.66 40.70 3.58
C PRO A 151 -10.94 41.28 4.83
N VAL A 152 -11.62 42.18 5.58
CA VAL A 152 -10.98 42.64 6.79
C VAL A 152 -10.83 41.52 7.82
N LEU A 153 -11.92 40.75 8.03
CA LEU A 153 -11.85 39.53 8.85
C LEU A 153 -10.68 38.58 8.41
N ILE A 154 -10.51 38.42 7.12
CA ILE A 154 -9.51 37.48 6.60
C ILE A 154 -8.13 38.00 6.87
N LYS A 155 -7.95 39.27 6.56
CA LYS A 155 -6.62 39.92 6.67
C LYS A 155 -6.23 39.97 8.16
N GLU A 156 -7.17 40.39 9.03
CA GLU A 156 -6.88 40.36 10.49
C GLU A 156 -6.54 38.93 11.03
N ILE A 157 -7.26 37.86 10.66
CA ILE A 157 -6.85 36.53 11.15
CA ILE A 157 -6.85 36.52 11.16
C ILE A 157 -5.50 36.11 10.53
N THR A 158 -5.28 36.44 9.25
CA THR A 158 -3.96 36.13 8.64
C THR A 158 -2.83 36.78 9.42
N ARG A 159 -2.98 38.03 9.79
CA ARG A 159 -1.96 38.72 10.55
C ARG A 159 -1.74 37.99 11.91
N ARG A 160 -2.82 37.70 12.66
CA ARG A 160 -2.64 37.01 13.99
C ARG A 160 -2.03 35.61 13.88
N ILE A 161 -2.29 34.92 12.77
CA ILE A 161 -1.68 33.63 12.49
C ILE A 161 -0.21 33.80 12.17
N ASN A 162 0.11 34.75 11.28
CA ASN A 162 1.51 35.09 10.96
C ASN A 162 2.41 35.47 12.17
N LEU A 163 1.81 36.12 13.16
CA LEU A 163 2.51 36.41 14.44
C LEU A 163 3.06 35.16 15.15
N GLU A 164 2.43 34.04 14.85
CA GLU A 164 2.82 32.76 15.43
C GLU A 164 3.77 32.02 14.52
N ASN A 165 4.32 32.68 13.48
CA ASN A 165 5.23 32.07 12.48
C ASN A 165 4.58 30.94 11.72
N ILE A 166 3.25 31.08 11.51
CA ILE A 166 2.49 30.20 10.60
C ILE A 166 2.07 31.01 9.32
N TRP A 167 2.25 30.40 8.16
CA TRP A 167 2.24 31.12 6.89
C TRP A 167 1.41 30.42 5.85
N GLN A 168 0.79 29.29 6.25
CA GLN A 168 -0.13 28.49 5.43
C GLN A 168 -1.42 28.27 6.19
N ALA A 169 -2.50 28.05 5.47
CA ALA A 169 -3.83 27.69 6.03
C ALA A 169 -4.57 26.78 5.15
N ILE A 170 -5.52 26.07 5.72
CA ILE A 170 -6.44 25.25 4.92
C ILE A 170 -7.85 25.76 5.22
N TYR A 171 -8.68 25.74 4.22
CA TYR A 171 -10.15 25.95 4.45
C TYR A 171 -10.98 25.34 3.35
N THR A 172 -12.28 25.38 3.53
CA THR A 172 -13.19 24.89 2.52
C THR A 172 -14.29 25.88 2.39
N ALA A 173 -14.91 25.88 1.22
CA ALA A 173 -16.14 26.65 0.99
C ALA A 173 -16.91 25.97 -0.13
N GLY A 174 -18.21 26.27 -0.12
CA GLY A 174 -19.13 25.91 -1.21
C GLY A 174 -18.88 26.76 -2.43
N VAL A 175 -18.40 27.96 -2.21
CA VAL A 175 -18.19 28.91 -3.31
C VAL A 175 -16.84 28.70 -4.00
N TYR A 176 -16.84 28.98 -5.30
CA TYR A 176 -15.61 28.89 -6.07
C TYR A 176 -14.75 30.16 -5.86
N LEU A 177 -13.53 29.94 -5.39
CA LEU A 177 -12.56 31.01 -5.16
C LEU A 177 -11.26 30.58 -5.76
N PRO A 178 -10.34 31.52 -5.97
CA PRO A 178 -8.98 31.15 -6.47
C PRO A 178 -8.21 30.41 -5.35
N LYS A 179 -7.85 29.12 -5.45
CA LYS A 179 -8.32 28.22 -6.52
C LYS A 179 -8.28 26.84 -5.84
N PRO A 180 -9.29 26.02 -6.04
CA PRO A 180 -9.35 24.76 -5.27
C PRO A 180 -8.12 23.85 -5.57
N VAL A 181 -7.60 23.22 -4.54
CA VAL A 181 -6.69 22.08 -4.69
C VAL A 181 -7.47 20.81 -4.96
N SER A 182 -8.74 20.73 -4.50
CA SER A 182 -9.62 19.65 -4.82
C SER A 182 -11.07 20.03 -4.65
N ASP A 183 -11.98 19.29 -5.31
CA ASP A 183 -13.36 19.66 -5.36
C ASP A 183 -14.17 18.41 -5.14
N ALA A 184 -14.86 18.31 -4.00
CA ALA A 184 -15.60 17.08 -3.66
C ALA A 184 -17.12 17.27 -3.58
N ARG A 185 -17.85 16.56 -4.42
CA ARG A 185 -19.33 16.51 -4.23
C ARG A 185 -19.72 15.84 -2.95
N TYR A 186 -20.83 16.30 -2.38
CA TYR A 186 -21.46 15.56 -1.30
C TYR A 186 -22.71 14.74 -1.66
N TYR A 187 -22.85 13.65 -0.92
CA TYR A 187 -23.94 12.68 -1.08
C TYR A 187 -24.67 12.48 0.21
N HIS A 188 -25.94 12.10 0.16
CA HIS A 188 -26.75 11.90 1.38
CA HIS A 188 -26.76 11.95 1.36
C HIS A 188 -27.39 10.54 1.34
N ARG A 189 -27.49 9.90 2.51
CA ARG A 189 -28.19 8.61 2.68
C ARG A 189 -29.41 8.85 3.59
N SER A 190 -30.59 8.87 2.96
CA SER A 190 -31.83 9.03 3.78
C SER A 190 -32.02 7.95 4.85
N ILE A 191 -32.36 8.37 6.07
CA ILE A 191 -32.68 7.50 7.20
C ILE A 191 -34.19 7.64 7.51
N ASN A 192 -34.63 8.83 7.93
CA ASN A 192 -36.14 9.13 8.10
CA ASN A 192 -36.04 9.16 8.14
C ASN A 192 -36.66 9.80 6.84
N VAL A 193 -36.91 8.91 5.88
CA VAL A 193 -37.43 9.15 4.55
CA VAL A 193 -37.29 9.38 4.58
C VAL A 193 -38.64 10.09 4.55
N LYS A 194 -39.63 9.73 5.40
CA LYS A 194 -40.91 10.51 5.41
C LYS A 194 -40.63 11.98 5.79
N LYS A 195 -39.83 12.15 6.84
CA LYS A 195 -39.52 13.50 7.27
C LYS A 195 -38.80 14.23 6.14
N LEU A 196 -37.82 13.58 5.53
CA LEU A 196 -37.03 14.25 4.53
C LEU A 196 -37.94 14.69 3.29
N ILE A 197 -38.98 13.90 3.01
N ILE A 197 -39.00 13.95 3.00
CA ILE A 197 -39.99 14.14 1.98
CA ILE A 197 -39.86 14.33 1.91
C ILE A 197 -40.82 15.37 2.36
C ILE A 197 -40.85 15.44 2.34
N GLU A 198 -41.36 15.34 3.55
CA GLU A 198 -42.21 16.43 4.11
C GLU A 198 -41.52 17.84 4.19
N ILE A 199 -40.21 17.86 4.43
CA ILE A 199 -39.45 19.09 4.48
C ILE A 199 -38.86 19.53 3.10
N GLY A 200 -39.16 18.79 2.03
CA GLY A 200 -38.50 19.09 0.76
C GLY A 200 -36.98 18.86 0.75
N PHE A 201 -36.45 17.93 1.54
CA PHE A 201 -35.07 17.53 1.38
C PHE A 201 -34.97 16.47 0.26
N SER A 202 -36.01 15.63 0.13
CA SER A 202 -36.09 14.48 -0.80
C SER A 202 -37.46 14.56 -1.46
N SER A 203 -37.62 13.82 -2.56
CA SER A 203 -38.88 13.80 -3.28
C SER A 203 -39.33 12.36 -3.68
N LEU A 204 -40.63 12.21 -3.97
CA LEU A 204 -41.29 11.03 -4.56
C LEU A 204 -41.77 11.22 -6.02
N ASN A 205 -41.77 10.13 -6.80
CA ASN A 205 -42.44 10.06 -8.12
CA ASN A 205 -42.45 10.06 -8.12
C ASN A 205 -43.59 9.02 -8.15
N SER A 206 -44.27 8.83 -9.30
CA SER A 206 -45.38 7.84 -9.33
C SER A 206 -44.85 6.40 -9.25
N ARG A 207 -43.61 6.21 -9.73
CA ARG A 207 -42.82 5.00 -9.47
C ARG A 207 -42.70 4.82 -7.96
N LEU A 208 -42.25 5.88 -7.26
CA LEU A 208 -41.97 5.76 -5.84
C LEU A 208 -43.02 6.39 -4.96
N THR A 209 -43.95 5.54 -4.50
CA THR A 209 -44.98 5.96 -3.56
C THR A 209 -44.28 6.10 -2.20
N MET A 210 -45.03 6.67 -1.27
CA MET A 210 -44.47 6.86 0.06
C MET A 210 -44.08 5.53 0.71
N SER A 211 -45.02 4.53 0.82
CA SER A 211 -44.63 3.24 1.35
C SER A 211 -43.38 2.67 0.62
N ARG A 212 -43.28 2.81 -0.72
CA ARG A 212 -42.14 2.21 -1.39
C ARG A 212 -40.84 2.90 -1.07
N ALA A 213 -40.91 4.20 -0.89
CA ALA A 213 -39.72 4.99 -0.54
C ALA A 213 -39.26 4.56 0.85
N ILE A 214 -40.20 4.42 1.78
CA ILE A 214 -39.82 4.00 3.14
C ILE A 214 -39.14 2.59 3.04
N LYS A 215 -39.70 1.69 2.23
CA LYS A 215 -39.22 0.32 2.23
C LYS A 215 -37.81 0.33 1.60
N LEU A 216 -37.60 1.18 0.59
CA LEU A 216 -36.29 1.30 -0.04
C LEU A 216 -35.11 1.55 0.94
N TYR A 217 -35.37 2.41 1.91
CA TYR A 217 -34.32 2.96 2.79
C TYR A 217 -34.25 2.21 4.11
N ARG A 218 -35.02 1.11 4.20
CA ARG A 218 -35.09 0.29 5.43
CA ARG A 218 -35.09 0.30 5.45
C ARG A 218 -33.69 -0.31 5.72
N VAL A 219 -33.26 -0.27 6.98
CA VAL A 219 -32.03 -0.95 7.34
C VAL A 219 -32.32 -2.03 8.46
N GLU A 220 -31.48 -3.08 8.49
CA GLU A 220 -31.55 -4.11 9.45
C GLU A 220 -30.84 -3.53 10.68
N ASP A 221 -31.48 -3.69 11.83
CA ASP A 221 -30.87 -3.25 13.08
C ASP A 221 -29.77 -4.17 13.66
N THR A 222 -28.85 -4.61 12.81
CA THR A 222 -27.81 -5.61 13.28
C THR A 222 -26.52 -5.26 12.62
N LEU A 223 -25.49 -5.05 13.42
CA LEU A 223 -24.21 -4.61 12.93
C LEU A 223 -23.52 -5.73 12.18
N ASN A 224 -22.85 -5.38 11.09
CA ASN A 224 -21.92 -6.31 10.37
C ASN A 224 -20.70 -6.68 11.22
N ILE A 225 -20.18 -5.72 11.99
CA ILE A 225 -19.11 -5.90 12.93
C ILE A 225 -19.71 -5.86 14.35
N LYS A 226 -20.01 -7.05 14.92
CA LYS A 226 -20.83 -7.17 16.11
C LYS A 226 -20.34 -6.37 17.32
N ASN A 227 -19.03 -6.17 17.43
CA ASN A 227 -18.39 -5.57 18.65
C ASN A 227 -18.13 -4.07 18.53
N MET A 228 -18.61 -3.45 17.46
CA MET A 228 -18.41 -2.02 17.23
CA MET A 228 -18.46 -1.99 17.26
C MET A 228 -19.07 -1.32 18.47
N ARG A 229 -18.29 -0.45 19.15
CA ARG A 229 -18.72 0.13 20.44
C ARG A 229 -18.21 1.55 20.55
N LEU A 230 -18.86 2.38 21.43
CA LEU A 230 -18.39 3.75 21.60
C LEU A 230 -16.94 3.69 22.07
N MET A 231 -16.10 4.58 21.47
CA MET A 231 -14.72 4.79 21.85
C MET A 231 -14.63 5.32 23.29
N LYS A 232 -13.51 4.97 23.92
CA LYS A 232 -13.26 5.13 25.37
C LYS A 232 -11.88 5.64 25.45
N LYS A 233 -11.51 6.28 26.57
CA LYS A 233 -10.12 6.81 26.69
C LYS A 233 -9.05 5.80 26.43
N LYS A 234 -9.27 4.54 26.88
CA LYS A 234 -8.31 3.46 26.67
C LYS A 234 -7.96 3.20 25.18
N ASP A 235 -8.87 3.64 24.29
CA ASP A 235 -8.69 3.37 22.84
C ASP A 235 -7.86 4.39 22.10
N VAL A 236 -7.45 5.43 22.84
CA VAL A 236 -6.84 6.55 22.14
C VAL A 236 -5.59 6.05 21.38
N GLU A 237 -4.67 5.34 22.06
CA GLU A 237 -3.46 4.92 21.33
C GLU A 237 -3.79 4.01 20.12
N GLY A 238 -4.78 3.13 20.31
CA GLY A 238 -5.15 2.25 19.18
C GLY A 238 -5.75 2.92 17.96
N VAL A 239 -6.55 3.93 18.19
CA VAL A 239 -7.10 4.76 17.14
C VAL A 239 -6.01 5.59 16.48
N HIS A 240 -5.06 6.13 17.28
CA HIS A 240 -4.00 6.92 16.72
C HIS A 240 -3.17 6.10 15.70
N LYS A 241 -2.97 4.83 16.03
N LYS A 241 -2.96 4.83 16.05
CA LYS A 241 -2.17 3.95 15.21
CA LYS A 241 -2.16 3.92 15.24
C LYS A 241 -2.93 3.58 13.95
C LYS A 241 -2.93 3.57 13.97
N LEU A 242 -4.16 3.05 14.13
CA LEU A 242 -5.03 2.71 12.99
C LEU A 242 -5.25 3.88 11.99
N LEU A 243 -5.74 5.01 12.53
CA LEU A 243 -6.06 6.17 11.69
C LEU A 243 -4.80 6.76 11.04
N GLY A 244 -3.74 6.84 11.83
CA GLY A 244 -2.54 7.54 11.41
C GLY A 244 -1.87 6.79 10.27
N SER A 245 -2.00 5.47 10.32
N SER A 245 -1.95 5.45 10.28
CA SER A 245 -1.41 4.60 9.32
CA SER A 245 -1.28 4.68 9.22
C SER A 245 -2.13 4.80 8.00
C SER A 245 -2.15 4.56 7.94
N TYR A 246 -3.47 4.69 8.09
CA TYR A 246 -4.37 4.76 6.97
C TYR A 246 -4.25 6.11 6.21
N LEU A 247 -4.13 7.22 6.96
CA LEU A 247 -4.19 8.57 6.37
C LEU A 247 -2.93 8.82 5.51
N GLU A 248 -1.85 8.04 5.70
CA GLU A 248 -0.65 8.31 4.91
C GLU A 248 -0.72 8.11 3.39
N GLN A 249 -1.71 7.36 2.96
CA GLN A 249 -1.86 7.05 1.53
C GLN A 249 -2.30 8.34 0.80
N PHE A 250 -2.84 9.34 1.51
CA PHE A 250 -3.52 10.41 0.80
C PHE A 250 -2.63 11.57 0.45
N ASN A 251 -3.13 12.39 -0.47
CA ASN A 251 -2.35 13.57 -0.86
CA ASN A 251 -2.41 13.59 -0.93
C ASN A 251 -2.50 14.79 0.06
N LEU A 252 -3.49 14.77 0.95
CA LEU A 252 -3.79 15.90 1.82
C LEU A 252 -4.49 15.32 3.04
N TYR A 253 -3.90 15.53 4.21
CA TYR A 253 -4.46 14.94 5.44
C TYR A 253 -3.85 15.61 6.65
N ALA A 254 -4.54 15.58 7.80
CA ALA A 254 -3.94 16.11 9.05
C ALA A 254 -3.07 15.11 9.69
N VAL A 255 -1.92 15.53 10.20
CA VAL A 255 -1.07 14.62 10.99
C VAL A 255 -1.45 14.76 12.48
N PHE A 256 -2.16 13.78 13.02
CA PHE A 256 -2.69 13.84 14.39
C PHE A 256 -1.67 13.29 15.40
N THR A 257 -1.50 14.02 16.49
CA THR A 257 -0.84 13.54 17.71
C THR A 257 -1.87 12.72 18.53
N LYS A 258 -1.37 12.05 19.56
CA LYS A 258 -2.29 11.32 20.46
C LYS A 258 -3.22 12.31 21.15
N GLU A 259 -2.75 13.54 21.47
CA GLU A 259 -3.57 14.51 22.14
C GLU A 259 -4.69 14.95 21.22
N GLU A 260 -4.37 15.15 19.94
CA GLU A 260 -5.39 15.45 18.93
C GLU A 260 -6.40 14.30 18.74
N ILE A 261 -5.91 13.07 18.60
CA ILE A 261 -6.88 11.93 18.64
C ILE A 261 -7.83 11.95 19.75
N ALA A 262 -7.35 12.18 20.99
CA ALA A 262 -8.33 12.18 22.09
C ALA A 262 -9.34 13.33 21.96
N HIS A 263 -8.86 14.48 21.50
CA HIS A 263 -9.75 15.59 21.34
C HIS A 263 -10.77 15.39 20.24
N TRP A 264 -10.29 14.94 19.07
CA TRP A 264 -11.19 14.90 17.91
C TRP A 264 -12.11 13.71 17.91
N PHE A 265 -11.82 12.63 18.64
CA PHE A 265 -12.60 11.41 18.55
C PHE A 265 -13.37 10.94 19.79
N LEU A 266 -12.91 11.31 21.00
CA LEU A 266 -13.59 10.87 22.20
C LEU A 266 -15.03 11.33 22.14
N PRO A 267 -15.95 10.38 22.33
CA PRO A 267 -17.36 10.84 22.00
C PRO A 267 -17.86 11.94 22.89
N ILE A 268 -18.61 12.88 22.27
CA ILE A 268 -19.43 13.86 23.02
C ILE A 268 -20.88 13.85 22.44
N GLU A 269 -21.87 13.56 23.30
CA GLU A 269 -23.29 13.44 22.94
CA GLU A 269 -23.23 13.38 22.80
C GLU A 269 -23.65 14.66 22.06
N ASN A 270 -24.33 14.45 20.93
CA ASN A 270 -24.77 15.55 20.04
C ASN A 270 -23.67 16.41 19.46
N VAL A 271 -22.43 15.87 19.41
CA VAL A 271 -21.33 16.54 18.82
C VAL A 271 -20.57 15.56 17.95
N ILE A 272 -19.91 14.62 18.63
CA ILE A 272 -19.07 13.64 17.89
CA ILE A 272 -19.01 13.64 17.90
C ILE A 272 -19.23 12.21 18.39
N TYR A 273 -19.38 11.27 17.44
CA TYR A 273 -19.63 9.86 17.72
C TYR A 273 -18.48 9.06 17.08
N THR A 274 -17.71 8.38 17.91
CA THR A 274 -16.69 7.46 17.40
C THR A 274 -16.92 6.06 17.99
N TYR A 275 -16.88 5.06 17.10
CA TYR A 275 -17.01 3.68 17.46
C TYR A 275 -15.84 2.87 16.99
N VAL A 276 -15.50 1.90 17.80
CA VAL A 276 -14.30 1.01 17.52
C VAL A 276 -14.63 -0.45 17.67
N ASN A 277 -13.83 -1.24 16.94
CA ASN A 277 -13.83 -2.67 17.09
C ASN A 277 -12.48 -3.05 17.61
N GLU A 278 -12.46 -3.57 18.84
CA GLU A 278 -11.23 -3.93 19.57
C GLU A 278 -11.13 -5.46 19.56
N GLU A 279 -9.97 -5.93 19.20
CA GLU A 279 -9.69 -7.35 19.11
CA GLU A 279 -9.70 -7.36 19.12
C GLU A 279 -8.36 -7.55 19.79
N ASN A 280 -8.29 -8.39 20.83
CA ASN A 280 -6.98 -8.55 21.51
C ASN A 280 -6.40 -7.24 22.04
N GLY A 281 -7.23 -6.33 22.56
CA GLY A 281 -6.74 -5.02 23.07
C GLY A 281 -6.17 -4.15 21.94
N LYS A 282 -6.41 -4.53 20.68
CA LYS A 282 -6.00 -3.73 19.50
C LYS A 282 -7.20 -3.18 18.75
N ILE A 283 -7.09 -1.92 18.32
CA ILE A 283 -8.19 -1.33 17.56
C ILE A 283 -8.05 -1.70 16.06
N LYS A 284 -9.01 -2.45 15.52
CA LYS A 284 -8.92 -2.95 14.13
C LYS A 284 -9.80 -2.20 13.10
N ASP A 285 -10.83 -1.51 13.59
CA ASP A 285 -11.84 -0.85 12.71
C ASP A 285 -12.40 0.33 13.53
N MET A 286 -12.70 1.44 12.83
CA MET A 286 -13.32 2.62 13.50
C MET A 286 -14.30 3.26 12.55
N ILE A 287 -15.39 3.80 13.15
CA ILE A 287 -16.39 4.56 12.43
C ILE A 287 -16.49 5.89 13.22
N SER A 288 -16.62 7.02 12.52
CA SER A 288 -16.93 8.34 13.21
C SER A 288 -17.78 9.25 12.36
N PHE A 289 -18.53 10.08 13.05
CA PHE A 289 -19.38 11.04 12.37
C PHE A 289 -19.71 12.15 13.36
N TYR A 290 -19.90 13.35 12.85
CA TYR A 290 -20.23 14.47 13.77
C TYR A 290 -21.67 14.89 13.52
N SER A 291 -22.25 15.57 14.52
CA SER A 291 -23.63 16.05 14.43
C SER A 291 -23.66 17.49 14.02
N LEU A 292 -24.42 17.78 12.94
CA LEU A 292 -24.59 19.11 12.42
C LEU A 292 -26.04 19.33 11.98
N PRO A 293 -26.88 19.87 12.90
CA PRO A 293 -28.26 20.06 12.52
C PRO A 293 -28.42 21.17 11.51
N SER A 294 -29.46 21.13 10.71
CA SER A 294 -29.85 22.33 10.00
C SER A 294 -31.21 22.80 10.52
N GLN A 295 -31.31 24.10 10.69
CA GLN A 295 -32.58 24.76 10.96
C GLN A 295 -33.40 24.76 9.65
N ILE A 296 -34.68 24.38 9.74
CA ILE A 296 -35.53 24.20 8.54
C ILE A 296 -36.28 25.53 8.55
N LEU A 297 -36.06 26.34 7.52
CA LEU A 297 -36.62 27.71 7.49
C LEU A 297 -38.11 27.59 7.08
N GLY A 298 -39.02 27.98 7.97
CA GLY A 298 -40.43 28.16 7.61
C GLY A 298 -41.11 26.92 7.02
N ASN A 299 -41.03 25.80 7.77
CA ASN A 299 -41.79 24.56 7.47
C ASN A 299 -42.70 24.52 8.66
N ASP A 300 -44.01 24.32 8.42
CA ASP A 300 -44.91 24.42 9.53
C ASP A 300 -44.64 23.37 10.61
N LYS A 301 -44.14 22.18 10.23
CA LYS A 301 -44.14 21.01 11.14
C LYS A 301 -42.82 20.72 11.84
N TYR A 302 -41.72 20.89 11.13
CA TYR A 302 -40.40 20.54 11.68
C TYR A 302 -39.52 21.75 11.70
N SER A 303 -38.82 21.90 12.81
CA SER A 303 -37.90 22.98 12.99
C SER A 303 -36.42 22.58 12.72
N THR A 304 -36.10 21.32 12.82
CA THR A 304 -34.65 20.95 12.85
C THR A 304 -34.46 19.69 12.05
N LEU A 305 -33.48 19.67 11.18
CA LEU A 305 -33.09 18.45 10.48
C LEU A 305 -31.87 17.95 11.26
N ASN A 306 -31.96 16.78 11.90
N ASN A 306 -31.96 16.70 11.72
CA ASN A 306 -30.73 16.24 12.48
CA ASN A 306 -30.93 16.03 12.52
C ASN A 306 -30.02 15.43 11.42
C ASN A 306 -29.97 15.23 11.61
N ALA A 307 -28.73 15.71 11.38
CA ALA A 307 -27.89 15.16 10.35
C ALA A 307 -26.54 14.71 10.92
N ALA A 308 -26.06 13.58 10.42
CA ALA A 308 -24.75 13.06 10.80
C ALA A 308 -23.90 13.19 9.56
N TYR A 309 -22.65 13.63 9.77
CA TYR A 309 -21.70 13.85 8.75
C TYR A 309 -20.47 12.90 8.92
N SER A 310 -20.20 12.12 7.90
CA SER A 310 -19.09 11.11 7.90
C SER A 310 -17.81 11.85 8.15
N PHE A 311 -17.06 11.35 9.13
CA PHE A 311 -15.82 11.94 9.52
C PHE A 311 -14.63 11.03 9.06
N TYR A 312 -14.13 10.17 9.92
CA TYR A 312 -13.07 9.22 9.48
C TYR A 312 -13.49 7.80 9.81
N ASN A 313 -13.31 6.91 8.82
CA ASN A 313 -13.83 5.51 8.84
C ASN A 313 -12.72 4.63 8.30
N VAL A 314 -12.26 3.67 9.13
CA VAL A 314 -11.18 2.77 8.67
C VAL A 314 -11.57 1.28 9.00
N THR A 315 -11.45 0.39 8.04
CA THR A 315 -11.64 -1.01 8.34
C THR A 315 -10.41 -1.89 7.96
N THR A 316 -10.12 -2.84 8.83
CA THR A 316 -9.15 -3.91 8.45
C THR A 316 -9.74 -5.30 8.60
N THR A 317 -10.96 -5.42 9.09
CA THR A 317 -11.58 -6.74 9.23
C THR A 317 -12.89 -7.02 8.43
N ALA A 318 -13.39 -6.02 7.75
CA ALA A 318 -14.61 -6.10 6.95
C ALA A 318 -14.30 -5.38 5.66
N THR A 319 -15.29 -5.28 4.77
CA THR A 319 -15.10 -4.53 3.57
C THR A 319 -15.50 -3.07 3.90
N PHE A 320 -15.04 -2.13 3.06
CA PHE A 320 -15.41 -0.75 3.37
C PHE A 320 -16.96 -0.58 3.26
N LYS A 321 -17.60 -1.36 2.36
CA LYS A 321 -19.07 -1.25 2.29
C LYS A 321 -19.77 -1.67 3.61
N GLN A 322 -19.33 -2.78 4.22
CA GLN A 322 -19.92 -3.28 5.45
C GLN A 322 -19.67 -2.24 6.55
N LEU A 323 -18.47 -1.66 6.55
CA LEU A 323 -18.15 -0.60 7.54
C LEU A 323 -19.09 0.61 7.49
N MET A 324 -19.31 1.07 6.26
CA MET A 324 -20.16 2.21 6.05
C MET A 324 -21.64 1.90 6.27
N GLN A 325 -22.05 0.68 5.93
CA GLN A 325 -23.39 0.16 6.27
C GLN A 325 -23.57 0.26 7.82
N ASP A 326 -22.53 -0.21 8.57
CA ASP A 326 -22.60 -0.03 10.00
C ASP A 326 -22.65 1.45 10.46
N ALA A 327 -21.85 2.32 9.81
CA ALA A 327 -21.88 3.78 10.12
C ALA A 327 -23.33 4.33 9.95
N ILE A 328 -24.00 3.94 8.85
CA ILE A 328 -25.40 4.31 8.68
C ILE A 328 -26.30 3.82 9.85
N LEU A 329 -26.24 2.53 10.23
CA LEU A 329 -27.08 1.96 11.30
C LEU A 329 -26.77 2.71 12.58
N LEU A 330 -25.50 3.00 12.84
CA LEU A 330 -25.15 3.71 14.08
C LEU A 330 -25.71 5.12 14.18
N ALA A 331 -25.71 5.81 13.05
CA ALA A 331 -26.35 7.12 12.96
C ALA A 331 -27.86 6.96 13.12
N LYS A 332 -28.46 5.92 12.53
CA LYS A 332 -29.95 5.72 12.73
C LYS A 332 -30.24 5.49 14.23
N ARG A 333 -29.32 4.72 14.87
CA ARG A 333 -29.50 4.39 16.29
C ARG A 333 -29.44 5.60 17.23
N ASN A 334 -28.72 6.63 16.71
CA ASN A 334 -28.59 7.93 17.38
C ASN A 334 -29.63 8.99 16.97
N ASN A 335 -30.72 8.57 16.35
N ASN A 335 -30.67 8.52 16.27
CA ASN A 335 -31.82 9.49 16.02
CA ASN A 335 -31.84 9.31 15.89
C ASN A 335 -31.41 10.55 14.98
C ASN A 335 -31.59 10.39 14.81
N PHE A 336 -30.50 10.20 14.07
CA PHE A 336 -30.30 11.01 12.87
C PHE A 336 -31.31 10.78 11.75
N ASP A 337 -31.66 11.84 11.00
CA ASP A 337 -32.57 11.73 9.88
C ASP A 337 -31.87 11.40 8.56
N VAL A 338 -30.58 11.72 8.43
CA VAL A 338 -29.83 11.66 7.14
C VAL A 338 -28.35 11.48 7.57
N PHE A 339 -27.61 10.76 6.73
CA PHE A 339 -26.12 10.57 6.83
C PHE A 339 -25.45 11.12 5.59
N ASN A 340 -24.52 12.07 5.76
CA ASN A 340 -23.99 12.86 4.71
C ASN A 340 -22.54 12.42 4.56
N ALA A 341 -22.04 12.38 3.33
CA ALA A 341 -20.60 12.05 3.14
C ALA A 341 -20.10 12.73 1.88
N LEU A 342 -18.81 13.09 1.82
CA LEU A 342 -18.17 13.69 0.66
C LEU A 342 -17.48 12.52 -0.11
N GLU A 343 -17.27 12.73 -1.38
CA GLU A 343 -16.55 11.74 -2.18
C GLU A 343 -15.06 11.78 -1.98
N VAL A 344 -14.66 11.78 -0.74
CA VAL A 344 -13.25 11.82 -0.43
C VAL A 344 -12.82 10.48 0.04
N MET A 345 -11.47 10.27 0.12
CA MET A 345 -11.00 8.93 0.60
C MET A 345 -11.61 7.80 -0.24
N GLN A 346 -12.07 6.72 0.40
CA GLN A 346 -12.73 5.61 -0.35
C GLN A 346 -14.24 5.76 -0.44
N ASN A 347 -14.81 6.88 -0.04
CA ASN A 347 -16.27 6.99 0.08
C ASN A 347 -17.08 6.71 -1.18
N LYS A 348 -16.58 7.21 -2.30
CA LYS A 348 -17.45 7.18 -3.47
C LYS A 348 -17.74 5.73 -3.88
N SER A 349 -16.79 4.85 -3.67
CA SER A 349 -16.98 3.46 -4.06
C SER A 349 -18.23 2.83 -3.42
N VAL A 350 -18.78 3.37 -2.35
CA VAL A 350 -19.88 2.67 -1.63
C VAL A 350 -21.24 3.36 -1.84
N PHE A 351 -21.21 4.51 -2.51
CA PHE A 351 -22.47 5.34 -2.54
C PHE A 351 -23.63 4.72 -3.31
N GLU A 352 -23.35 4.12 -4.48
CA GLU A 352 -24.41 3.47 -5.29
CA GLU A 352 -24.42 3.48 -5.25
C GLU A 352 -25.07 2.32 -4.48
N ASP A 353 -24.21 1.41 -4.03
CA ASP A 353 -24.67 0.21 -3.25
C ASP A 353 -25.37 0.50 -1.97
N LEU A 354 -24.94 1.57 -1.24
CA LEU A 354 -25.58 1.92 0.00
C LEU A 354 -26.74 2.89 -0.16
N LYS A 355 -27.17 3.06 -1.40
CA LYS A 355 -28.32 3.99 -1.68
C LYS A 355 -28.15 5.47 -1.27
N PHE A 356 -26.93 5.99 -1.37
CA PHE A 356 -26.69 7.44 -1.30
C PHE A 356 -27.22 8.16 -2.55
N GLY A 357 -27.73 9.36 -2.39
CA GLY A 357 -28.17 10.21 -3.52
C GLY A 357 -27.16 11.35 -3.68
N GLU A 358 -26.82 11.72 -4.92
CA GLU A 358 -26.03 12.93 -5.17
C GLU A 358 -26.75 14.19 -4.70
N GLY A 359 -25.98 15.07 -4.04
CA GLY A 359 -26.54 16.30 -3.54
C GLY A 359 -26.44 17.41 -4.59
N ASP A 360 -26.68 18.65 -4.18
CA ASP A 360 -26.82 19.72 -5.12
C ASP A 360 -25.55 20.54 -5.35
N GLY A 361 -24.42 20.16 -4.73
CA GLY A 361 -23.25 21.00 -4.91
C GLY A 361 -22.02 20.30 -4.47
N SER A 362 -20.99 21.10 -4.27
CA SER A 362 -19.73 20.46 -3.91
C SER A 362 -18.96 21.32 -2.97
N LEU A 363 -18.04 20.71 -2.24
CA LEU A 363 -17.15 21.43 -1.31
C LEU A 363 -15.74 21.51 -1.91
N LYS A 364 -15.28 22.73 -2.02
CA LYS A 364 -13.95 23.03 -2.58
C LYS A 364 -12.97 23.12 -1.42
N TYR A 365 -11.79 22.48 -1.60
CA TYR A 365 -10.70 22.51 -0.63
C TYR A 365 -9.63 23.53 -1.08
N TYR A 366 -9.23 24.45 -0.16
CA TYR A 366 -8.23 25.41 -0.49
C TYR A 366 -7.06 25.43 0.49
N LEU A 367 -5.92 25.78 -0.06
CA LEU A 367 -4.75 26.19 0.75
C LEU A 367 -4.42 27.63 0.48
N TYR A 368 -3.92 28.30 1.53
CA TYR A 368 -3.40 29.65 1.43
C TYR A 368 -1.91 29.64 1.44
N ASN A 369 -1.31 30.36 0.51
CA ASN A 369 0.10 30.45 0.36
C ASN A 369 0.76 29.13 0.15
N TRP A 370 0.17 28.30 -0.70
CA TRP A 370 0.76 27.04 -1.07
C TRP A 370 0.46 26.77 -2.56
N LYS A 371 1.52 26.38 -3.27
CA LYS A 371 1.49 26.12 -4.72
C LYS A 371 1.73 24.60 -4.95
N CYS A 372 0.81 23.87 -5.61
CA CYS A 372 0.92 22.41 -5.80
C CYS A 372 -0.06 21.98 -6.89
N ALA A 373 0.17 20.80 -7.46
CA ALA A 373 -0.84 20.15 -8.33
C ALA A 373 -2.16 19.92 -7.62
N SER A 374 -3.24 20.12 -8.37
CA SER A 374 -4.60 19.81 -7.86
C SER A 374 -4.81 18.33 -8.05
N PHE A 375 -5.83 17.76 -7.40
CA PHE A 375 -6.02 16.31 -7.44
C PHE A 375 -7.50 16.02 -7.29
N ALA A 376 -7.88 14.83 -7.71
CA ALA A 376 -9.22 14.31 -7.56
C ALA A 376 -9.58 14.01 -6.11
N PRO A 377 -10.88 14.22 -5.71
CA PRO A 377 -11.26 14.08 -4.29
C PRO A 377 -10.93 12.71 -3.56
N ALA A 378 -10.79 11.61 -4.33
CA ALA A 378 -10.29 10.33 -3.79
C ALA A 378 -9.00 10.43 -3.07
N HIS A 379 -8.20 11.43 -3.48
CA HIS A 379 -6.83 11.66 -2.93
C HIS A 379 -6.83 12.63 -1.70
N VAL A 380 -8.01 13.23 -1.40
CA VAL A 380 -8.23 14.01 -0.20
C VAL A 380 -8.53 13.02 0.98
N GLY A 381 -7.74 13.25 2.05
CA GLY A 381 -7.82 12.51 3.32
C GLY A 381 -8.07 13.35 4.58
N ILE A 382 -8.79 14.46 4.45
CA ILE A 382 -9.17 15.27 5.58
C ILE A 382 -10.62 15.75 5.41
N VAL A 383 -11.33 15.84 6.52
CA VAL A 383 -12.75 16.30 6.56
C VAL A 383 -12.78 17.43 7.59
N LEU A 384 -12.99 18.65 7.12
CA LEU A 384 -13.16 19.80 8.01
C LEU A 384 -14.59 19.88 8.54
N LEU A 385 -14.80 20.73 9.55
CA LEU A 385 -16.08 20.82 10.26
C LEU A 385 -17.03 21.81 9.65
N MET B 1 -30.23 -13.09 -13.97
CA MET B 1 -30.08 -14.43 -14.61
C MET B 1 -29.39 -15.50 -13.72
N ASP B 2 -28.96 -16.63 -14.31
CA ASP B 2 -28.58 -17.82 -13.57
CA ASP B 2 -28.53 -17.73 -13.46
C ASP B 2 -27.09 -18.19 -13.68
N TYR B 3 -26.47 -17.81 -14.77
CA TYR B 3 -25.04 -18.12 -14.93
C TYR B 3 -24.77 -19.59 -14.72
N LYS B 4 -25.45 -20.46 -15.51
CA LYS B 4 -25.31 -21.89 -15.31
C LYS B 4 -23.92 -22.38 -15.75
N PHE B 5 -23.30 -21.69 -16.70
CA PHE B 5 -21.90 -22.09 -17.02
C PHE B 5 -20.95 -21.44 -16.07
N TRP B 6 -21.08 -20.10 -15.91
CA TRP B 6 -20.15 -19.40 -15.00
C TRP B 6 -20.12 -19.96 -13.55
N TYR B 7 -21.26 -20.36 -13.02
CA TYR B 7 -21.22 -20.84 -11.62
C TYR B 7 -20.47 -22.19 -11.41
N THR B 8 -20.13 -22.88 -12.48
CA THR B 8 -19.33 -24.10 -12.39
C THR B 8 -17.83 -23.82 -12.42
N GLN B 9 -17.53 -22.56 -12.68
CA GLN B 9 -16.16 -21.99 -12.82
C GLN B 9 -15.56 -21.42 -11.50
N PRO B 10 -14.22 -21.52 -11.32
CA PRO B 10 -13.57 -20.89 -10.19
C PRO B 10 -13.55 -19.35 -10.29
N VAL B 11 -14.68 -18.73 -10.07
CA VAL B 11 -14.86 -17.26 -10.17
C VAL B 11 -15.87 -16.94 -9.05
N PRO B 12 -15.91 -15.71 -8.59
CA PRO B 12 -16.86 -15.32 -7.50
C PRO B 12 -18.28 -15.51 -7.92
N LYS B 13 -19.14 -15.91 -6.97
CA LYS B 13 -20.59 -15.84 -7.13
C LYS B 13 -20.97 -14.34 -7.15
N ILE B 14 -22.12 -14.02 -7.73
CA ILE B 14 -22.65 -12.67 -7.81
C ILE B 14 -22.71 -11.96 -6.46
N ASN B 15 -22.89 -12.71 -5.36
CA ASN B 15 -22.93 -12.04 -4.05
C ASN B 15 -21.67 -12.11 -3.19
N ASP B 16 -20.61 -12.63 -3.77
CA ASP B 16 -19.34 -12.70 -3.08
C ASP B 16 -18.65 -11.30 -3.00
N GLU B 17 -18.16 -10.97 -1.81
CA GLU B 17 -17.37 -9.74 -1.62
C GLU B 17 -16.32 -10.11 -0.62
N PHE B 18 -15.11 -9.68 -0.90
CA PHE B 18 -13.89 -10.09 -0.14
C PHE B 18 -13.24 -8.88 0.47
N ASN B 19 -12.69 -9.00 1.68
CA ASN B 19 -11.86 -7.97 2.31
CA ASN B 19 -11.96 -7.84 2.15
C ASN B 19 -10.54 -7.81 1.60
N GLU B 20 -9.86 -6.70 1.85
CA GLU B 20 -8.66 -6.39 1.12
CA GLU B 20 -8.64 -6.37 1.14
C GLU B 20 -7.52 -7.35 1.45
N SER B 21 -7.57 -7.98 2.61
CA SER B 21 -6.55 -8.93 2.94
C SER B 21 -6.67 -10.19 2.11
N VAL B 22 -7.80 -10.36 1.41
CA VAL B 22 -8.00 -11.61 0.63
C VAL B 22 -7.34 -11.46 -0.74
N ASN B 23 -6.36 -12.32 -1.08
CA ASN B 23 -5.72 -12.19 -2.40
C ASN B 23 -5.07 -13.52 -2.79
N GLU B 24 -5.85 -14.38 -3.42
CA GLU B 24 -5.42 -15.78 -3.55
C GLU B 24 -6.28 -16.54 -4.53
N PRO B 25 -5.78 -17.65 -5.05
CA PRO B 25 -6.67 -18.44 -5.97
C PRO B 25 -7.96 -18.98 -5.35
N PHE B 26 -9.00 -19.20 -6.14
CA PHE B 26 -10.08 -20.13 -5.71
C PHE B 26 -9.66 -21.60 -5.47
N ILE B 27 -8.80 -22.08 -6.38
CA ILE B 27 -8.29 -23.42 -6.41
C ILE B 27 -6.78 -23.33 -6.53
N SER B 28 -6.11 -23.90 -5.55
CA SER B 28 -4.65 -23.91 -5.48
C SER B 28 -4.18 -25.32 -5.70
N ASP B 29 -2.85 -25.51 -5.73
CA ASP B 29 -2.34 -26.89 -5.82
C ASP B 29 -2.78 -27.69 -7.08
N ASN B 30 -3.06 -26.99 -8.17
CA ASN B 30 -3.31 -27.59 -9.49
C ASN B 30 -2.09 -28.33 -10.11
N LYS B 31 -2.36 -29.39 -10.88
CA LYS B 31 -1.32 -30.29 -11.44
C LYS B 31 -1.48 -30.43 -12.94
N VAL B 32 -0.42 -30.02 -13.69
CA VAL B 32 -0.37 -30.21 -15.15
C VAL B 32 -0.68 -31.67 -15.53
N GLU B 33 -0.18 -32.62 -14.72
CA GLU B 33 -0.37 -34.06 -15.08
C GLU B 33 -1.83 -34.48 -15.00
N ASP B 34 -2.67 -33.67 -14.36
CA ASP B 34 -4.07 -34.11 -14.15
C ASP B 34 -5.03 -33.45 -15.21
N VAL B 35 -4.49 -32.46 -15.96
CA VAL B 35 -5.28 -31.70 -16.94
C VAL B 35 -5.78 -32.68 -18.03
N ARG B 36 -7.02 -32.45 -18.48
CA ARG B 36 -7.57 -33.33 -19.56
C ARG B 36 -6.63 -33.25 -20.78
N LYS B 37 -6.25 -34.41 -21.39
CA LYS B 37 -5.42 -34.40 -22.61
C LYS B 37 -6.25 -34.45 -23.86
N ASP B 38 -7.56 -34.63 -23.70
CA ASP B 38 -8.46 -34.59 -24.83
C ASP B 38 -8.96 -33.22 -25.17
N GLU B 39 -9.11 -32.93 -26.45
CA GLU B 39 -9.85 -31.68 -26.77
C GLU B 39 -11.33 -31.79 -26.33
N TYR B 40 -11.94 -30.64 -25.91
CA TYR B 40 -13.42 -30.71 -25.67
C TYR B 40 -14.18 -31.07 -26.94
N LYS B 41 -15.28 -31.78 -26.81
CA LYS B 41 -16.12 -32.16 -27.94
C LYS B 41 -16.98 -31.03 -28.49
N LEU B 42 -17.09 -30.90 -29.82
CA LEU B 42 -17.88 -29.84 -30.46
C LEU B 42 -19.12 -30.55 -31.00
N PRO B 43 -20.14 -29.77 -31.37
CA PRO B 43 -21.28 -30.41 -32.08
C PRO B 43 -20.90 -31.08 -33.39
N PRO B 44 -21.69 -32.03 -33.84
CA PRO B 44 -21.44 -32.72 -35.11
C PRO B 44 -21.19 -31.79 -36.27
N GLY B 45 -20.11 -32.00 -37.04
CA GLY B 45 -19.88 -31.18 -38.20
C GLY B 45 -18.99 -29.95 -37.95
N TYR B 46 -18.59 -29.74 -36.68
CA TYR B 46 -17.62 -28.68 -36.29
C TYR B 46 -16.24 -29.29 -35.88
N SER B 47 -15.17 -28.60 -36.17
CA SER B 47 -13.82 -29.05 -35.75
CA SER B 47 -13.85 -29.05 -35.68
C SER B 47 -12.94 -27.91 -35.24
N TRP B 48 -12.06 -28.27 -34.32
CA TRP B 48 -11.05 -27.31 -33.85
C TRP B 48 -10.09 -27.12 -35.03
N TYR B 49 -9.60 -25.89 -35.15
CA TYR B 49 -8.60 -25.50 -36.12
C TYR B 49 -7.42 -24.84 -35.43
N VAL B 50 -6.21 -25.24 -35.82
CA VAL B 50 -5.00 -24.62 -35.32
C VAL B 50 -4.73 -23.37 -36.16
N CYS B 51 -5.06 -22.17 -35.64
CA CYS B 51 -4.88 -20.92 -36.45
C CYS B 51 -3.41 -20.54 -36.36
N ASP B 52 -2.73 -20.35 -37.48
CA ASP B 52 -1.36 -19.77 -37.50
C ASP B 52 -1.44 -18.32 -37.84
N VAL B 53 -1.40 -17.47 -36.82
CA VAL B 53 -1.62 -16.03 -37.07
C VAL B 53 -0.55 -15.44 -38.00
N LYS B 54 0.62 -16.07 -38.09
CA LYS B 54 1.66 -15.58 -39.02
C LYS B 54 1.41 -15.92 -40.47
N ASP B 55 0.52 -16.87 -40.71
CA ASP B 55 0.13 -17.33 -42.05
C ASP B 55 -0.97 -16.38 -42.56
N GLU B 56 -0.73 -15.78 -43.74
CA GLU B 56 -1.63 -14.79 -44.26
C GLU B 56 -3.06 -15.31 -44.44
N LYS B 57 -3.17 -16.49 -45.03
CA LYS B 57 -4.49 -17.14 -45.16
C LYS B 57 -5.27 -17.34 -43.83
N ASP B 58 -4.61 -17.93 -42.83
CA ASP B 58 -5.25 -18.09 -41.51
C ASP B 58 -5.60 -16.74 -40.89
N ARG B 59 -4.66 -15.80 -40.97
CA ARG B 59 -4.98 -14.46 -40.46
C ARG B 59 -6.18 -13.83 -41.15
N SER B 60 -6.29 -14.05 -42.46
CA SER B 60 -7.35 -13.43 -43.21
C SER B 60 -8.70 -13.98 -42.80
N GLU B 61 -8.75 -15.25 -42.46
CA GLU B 61 -9.97 -15.93 -41.98
C GLU B 61 -10.41 -15.43 -40.63
N ILE B 62 -9.43 -15.24 -39.72
CA ILE B 62 -9.75 -14.53 -38.40
C ILE B 62 -10.24 -13.16 -38.63
N TYR B 63 -9.55 -12.38 -39.52
CA TYR B 63 -10.01 -11.03 -39.90
C TYR B 63 -11.48 -11.04 -40.35
N THR B 64 -11.80 -11.95 -41.27
CA THR B 64 -13.15 -12.05 -41.80
C THR B 64 -14.20 -12.31 -40.76
N LEU B 65 -13.89 -13.32 -39.92
CA LEU B 65 -14.72 -13.59 -38.79
C LEU B 65 -15.10 -12.41 -37.90
N LEU B 66 -14.02 -11.78 -37.44
CA LEU B 66 -14.22 -10.64 -36.57
C LEU B 66 -14.84 -9.47 -37.24
N THR B 67 -14.45 -9.20 -38.50
CA THR B 67 -15.03 -8.11 -39.21
C THR B 67 -16.54 -8.24 -39.28
N ASP B 68 -17.01 -9.44 -39.56
CA ASP B 68 -18.47 -9.64 -39.63
C ASP B 68 -19.29 -9.90 -38.36
N ASN B 69 -18.66 -10.36 -37.24
CA ASN B 69 -19.35 -10.98 -36.14
C ASN B 69 -18.86 -10.50 -34.80
N TYR B 70 -17.86 -9.58 -34.75
CA TYR B 70 -17.38 -9.19 -33.41
C TYR B 70 -18.29 -8.10 -32.80
N VAL B 71 -17.77 -7.49 -31.73
CA VAL B 71 -18.49 -6.53 -30.87
C VAL B 71 -19.18 -5.36 -31.57
N GLU B 72 -20.48 -5.17 -31.30
CA GLU B 72 -21.23 -3.97 -31.78
C GLU B 72 -21.56 -3.09 -30.61
N ASP B 73 -21.76 -1.81 -30.88
CA ASP B 73 -22.08 -0.85 -29.83
C ASP B 73 -23.51 -1.28 -29.41
N ASP B 74 -23.95 -0.75 -28.28
CA ASP B 74 -25.24 -1.03 -27.67
CA ASP B 74 -25.23 -1.11 -27.70
C ASP B 74 -26.45 -0.91 -28.61
N ASP B 75 -26.30 -0.15 -29.69
CA ASP B 75 -27.40 0.17 -30.64
C ASP B 75 -27.26 -0.45 -32.04
N ASN B 76 -26.21 -1.27 -32.23
CA ASN B 76 -25.98 -2.00 -33.50
C ASN B 76 -25.72 -1.14 -34.75
N ILE B 77 -25.13 0.03 -34.56
CA ILE B 77 -24.70 0.92 -35.65
C ILE B 77 -23.18 0.84 -36.02
N PHE B 78 -22.38 0.38 -35.08
CA PHE B 78 -20.92 0.28 -35.26
C PHE B 78 -20.52 -1.10 -34.91
N ARG B 79 -19.46 -1.58 -35.57
CA ARG B 79 -18.89 -2.88 -35.13
C ARG B 79 -17.37 -2.74 -35.16
N PHE B 80 -16.68 -3.18 -34.10
CA PHE B 80 -15.24 -3.16 -34.14
C PHE B 80 -14.66 -3.88 -35.37
N ASN B 81 -13.62 -3.26 -35.96
CA ASN B 81 -13.01 -3.77 -37.20
C ASN B 81 -11.47 -3.79 -37.04
N TYR B 82 -11.00 -4.60 -36.12
CA TYR B 82 -9.54 -4.72 -35.95
C TYR B 82 -8.87 -5.13 -37.24
N SER B 83 -7.76 -4.49 -37.61
CA SER B 83 -7.12 -4.84 -38.86
C SER B 83 -6.30 -6.11 -38.71
N ALA B 84 -6.00 -6.71 -39.87
CA ALA B 84 -5.27 -7.94 -39.84
C ALA B 84 -3.88 -7.70 -39.20
N GLU B 85 -3.29 -6.53 -39.41
CA GLU B 85 -1.96 -6.24 -38.87
C GLU B 85 -2.05 -6.03 -37.35
N PHE B 86 -3.14 -5.45 -36.90
CA PHE B 86 -3.37 -5.33 -35.47
C PHE B 86 -3.41 -6.72 -34.86
N LEU B 87 -4.18 -7.65 -35.46
CA LEU B 87 -4.30 -9.01 -34.93
C LEU B 87 -2.95 -9.74 -34.85
N LEU B 88 -2.12 -9.61 -35.88
CA LEU B 88 -0.77 -10.19 -35.83
C LEU B 88 -0.01 -9.58 -34.64
N TRP B 89 -0.05 -8.26 -34.43
CA TRP B 89 0.60 -7.67 -33.27
C TRP B 89 0.04 -8.13 -31.93
N ALA B 90 -1.29 -8.17 -31.78
CA ALA B 90 -1.92 -8.46 -30.50
C ALA B 90 -1.60 -9.89 -30.08
N LEU B 91 -1.37 -10.76 -31.07
CA LEU B 91 -1.40 -12.20 -30.81
C LEU B 91 0.01 -12.79 -30.84
N THR B 92 1.02 -12.05 -31.30
CA THR B 92 2.41 -12.68 -31.32
C THR B 92 3.45 -11.98 -30.46
N SER B 93 2.99 -11.52 -29.29
CA SER B 93 3.83 -10.93 -28.25
C SER B 93 4.79 -11.99 -27.68
N PRO B 94 5.84 -11.56 -26.96
CA PRO B 94 6.89 -12.46 -26.47
C PRO B 94 6.42 -13.71 -25.79
N ASN B 95 7.03 -14.84 -26.21
CA ASN B 95 6.69 -16.15 -25.69
C ASN B 95 5.26 -16.62 -25.94
N TYR B 96 4.60 -16.09 -26.98
CA TYR B 96 3.22 -16.48 -27.22
C TYR B 96 3.15 -17.99 -27.59
N LEU B 97 1.97 -18.55 -27.39
CA LEU B 97 1.77 -20.04 -27.67
C LEU B 97 0.81 -20.14 -28.85
N LYS B 98 1.28 -20.83 -29.87
CA LYS B 98 0.44 -21.09 -31.03
CA LYS B 98 0.47 -21.05 -31.03
C LYS B 98 -0.81 -21.88 -30.65
N THR B 99 -0.68 -22.74 -29.63
CA THR B 99 -1.78 -23.61 -29.20
C THR B 99 -2.91 -22.73 -28.59
N TRP B 100 -2.59 -21.47 -28.27
CA TRP B 100 -3.66 -20.63 -27.64
C TRP B 100 -4.37 -19.72 -28.63
N HIS B 101 -4.21 -20.01 -29.92
CA HIS B 101 -4.97 -19.31 -30.99
C HIS B 101 -5.89 -20.31 -31.69
N ILE B 102 -7.12 -20.31 -31.23
CA ILE B 102 -8.05 -21.43 -31.42
C ILE B 102 -9.22 -21.07 -32.30
N GLY B 103 -9.33 -21.78 -33.44
CA GLY B 103 -10.44 -21.56 -34.33
C GLY B 103 -11.41 -22.73 -34.29
N VAL B 104 -12.64 -22.49 -34.75
CA VAL B 104 -13.58 -23.56 -34.97
C VAL B 104 -14.08 -23.38 -36.42
N LYS B 105 -14.04 -24.49 -37.16
CA LYS B 105 -14.65 -24.54 -38.51
C LYS B 105 -15.92 -25.42 -38.63
N TYR B 106 -16.77 -25.05 -39.57
CA TYR B 106 -17.84 -25.93 -40.07
C TYR B 106 -17.17 -26.73 -41.20
N ASP B 107 -17.11 -28.05 -41.03
CA ASP B 107 -16.40 -28.95 -41.95
C ASP B 107 -16.89 -28.92 -43.38
N ALA B 108 -18.18 -28.73 -43.58
CA ALA B 108 -18.74 -28.94 -44.90
C ALA B 108 -18.41 -27.73 -45.77
N SER B 109 -18.28 -26.57 -45.12
CA SER B 109 -18.02 -25.31 -45.82
C SER B 109 -16.58 -24.86 -45.66
N ASN B 110 -15.83 -25.54 -44.79
CA ASN B 110 -14.42 -25.18 -44.55
C ASN B 110 -14.22 -23.69 -44.13
N LYS B 111 -15.19 -23.22 -43.37
CA LYS B 111 -15.25 -21.78 -43.01
C LYS B 111 -15.08 -21.62 -41.47
N LEU B 112 -14.41 -20.54 -41.09
CA LEU B 112 -14.16 -20.23 -39.68
C LEU B 112 -15.40 -19.65 -38.99
N ILE B 113 -15.95 -20.31 -37.97
CA ILE B 113 -17.21 -19.81 -37.33
C ILE B 113 -17.06 -19.44 -35.86
N GLY B 114 -15.91 -19.83 -35.28
CA GLY B 114 -15.58 -19.44 -33.87
C GLY B 114 -14.08 -19.16 -33.72
N PHE B 115 -13.73 -18.33 -32.71
CA PHE B 115 -12.36 -18.06 -32.35
C PHE B 115 -12.29 -17.68 -30.90
N ILE B 116 -11.12 -18.02 -30.34
CA ILE B 116 -10.76 -17.47 -29.00
C ILE B 116 -9.28 -17.46 -28.95
N SER B 117 -8.72 -16.47 -28.25
CA SER B 117 -7.28 -16.43 -28.09
C SER B 117 -6.82 -16.08 -26.70
N ALA B 118 -5.53 -16.30 -26.50
CA ALA B 118 -4.87 -15.73 -25.28
C ALA B 118 -3.38 -15.54 -25.50
N ILE B 119 -2.76 -14.65 -24.71
CA ILE B 119 -1.32 -14.51 -24.69
C ILE B 119 -0.90 -14.60 -23.21
N PRO B 120 0.32 -15.07 -22.93
CA PRO B 120 0.87 -15.00 -21.58
C PRO B 120 1.41 -13.64 -21.14
N THR B 121 1.19 -13.30 -19.88
CA THR B 121 1.74 -12.05 -19.32
C THR B 121 1.78 -12.19 -17.79
N ASP B 122 2.70 -11.45 -17.18
CA ASP B 122 2.77 -11.36 -15.70
CA ASP B 122 2.80 -11.37 -15.71
C ASP B 122 1.86 -10.26 -15.22
N ILE B 123 0.95 -10.61 -14.31
CA ILE B 123 -0.09 -9.68 -13.84
C ILE B 123 0.10 -9.49 -12.34
N CYS B 124 0.24 -8.23 -11.93
CA CYS B 124 0.39 -7.93 -10.50
C CYS B 124 -1.01 -7.52 -9.98
N ILE B 125 -1.56 -8.29 -9.06
CA ILE B 125 -2.84 -7.99 -8.46
C ILE B 125 -2.70 -7.81 -6.92
N HIS B 126 -2.97 -6.60 -6.43
CA HIS B 126 -2.83 -6.25 -5.01
CA HIS B 126 -2.91 -6.31 -4.99
C HIS B 126 -1.45 -6.74 -4.54
N LYS B 127 -0.48 -6.37 -5.34
CA LYS B 127 0.96 -6.60 -5.10
C LYS B 127 1.44 -8.02 -5.15
N ARG B 128 0.65 -9.04 -5.59
CA ARG B 128 1.20 -10.33 -5.91
C ARG B 128 1.31 -10.49 -7.41
N THR B 129 2.46 -10.97 -7.87
CA THR B 129 2.68 -11.15 -9.32
C THR B 129 2.45 -12.63 -9.72
N ILE B 130 1.51 -12.83 -10.65
CA ILE B 130 1.06 -14.13 -11.06
C ILE B 130 1.17 -14.25 -12.58
N LYS B 131 1.73 -15.36 -13.04
CA LYS B 131 1.66 -15.73 -14.47
CA LYS B 131 1.69 -15.70 -14.49
C LYS B 131 0.23 -15.93 -14.93
N MET B 132 -0.24 -15.16 -15.91
CA MET B 132 -1.64 -15.25 -16.31
C MET B 132 -1.75 -15.32 -17.83
N ALA B 133 -2.89 -15.77 -18.34
CA ALA B 133 -3.23 -15.66 -19.75
C ALA B 133 -4.12 -14.45 -19.87
N GLU B 134 -3.92 -13.62 -20.91
CA GLU B 134 -4.84 -12.54 -21.24
C GLU B 134 -5.68 -12.98 -22.46
N VAL B 135 -6.99 -13.10 -22.25
CA VAL B 135 -7.91 -13.72 -23.20
C VAL B 135 -8.62 -12.63 -23.98
N ASN B 136 -8.64 -12.79 -25.29
CA ASN B 136 -9.34 -11.77 -26.11
C ASN B 136 -9.83 -12.44 -27.32
N PHE B 137 -10.76 -11.75 -27.98
CA PHE B 137 -11.27 -12.06 -29.35
C PHE B 137 -12.19 -13.31 -29.43
N LEU B 138 -12.81 -13.60 -28.32
CA LEU B 138 -13.87 -14.61 -28.33
C LEU B 138 -14.97 -14.19 -29.30
N CYS B 139 -15.27 -15.07 -30.26
CA CYS B 139 -16.31 -14.69 -31.26
C CYS B 139 -16.91 -15.96 -31.82
N VAL B 140 -18.25 -15.90 -31.89
CA VAL B 140 -19.05 -16.96 -32.53
C VAL B 140 -19.79 -16.29 -33.65
N HIS B 141 -19.87 -16.97 -34.81
CA HIS B 141 -20.61 -16.42 -35.96
C HIS B 141 -22.10 -16.01 -35.55
N LYS B 142 -22.61 -14.90 -36.09
CA LYS B 142 -23.93 -14.42 -35.71
C LYS B 142 -25.01 -15.51 -35.97
N THR B 143 -24.79 -16.39 -36.96
CA THR B 143 -25.82 -17.43 -37.29
C THR B 143 -25.82 -18.63 -36.31
N LEU B 144 -24.89 -18.61 -35.36
CA LEU B 144 -24.72 -19.72 -34.41
C LEU B 144 -24.77 -19.26 -32.96
N ARG B 145 -25.32 -18.06 -32.74
CA ARG B 145 -25.47 -17.50 -31.37
C ARG B 145 -26.49 -18.24 -30.48
N SER B 146 -26.21 -18.29 -29.16
CA SER B 146 -27.03 -18.89 -28.13
C SER B 146 -27.16 -20.40 -28.26
N LYS B 147 -26.11 -21.03 -28.74
CA LYS B 147 -26.07 -22.49 -28.87
C LYS B 147 -25.10 -23.10 -27.88
N ARG B 148 -24.60 -22.33 -26.94
CA ARG B 148 -23.69 -22.89 -25.90
C ARG B 148 -22.29 -23.27 -26.55
N LEU B 149 -21.95 -22.63 -27.66
CA LEU B 149 -20.54 -22.74 -28.19
C LEU B 149 -19.53 -21.99 -27.32
N ALA B 150 -19.92 -20.82 -26.78
CA ALA B 150 -18.86 -19.98 -26.12
C ALA B 150 -18.25 -20.77 -24.91
N PRO B 151 -19.09 -21.47 -24.09
CA PRO B 151 -18.46 -22.24 -23.00
C PRO B 151 -17.52 -23.32 -23.51
N VAL B 152 -17.78 -23.91 -24.68
CA VAL B 152 -16.83 -24.93 -25.17
C VAL B 152 -15.49 -24.26 -25.55
N LEU B 153 -15.55 -23.13 -26.26
CA LEU B 153 -14.28 -22.33 -26.52
C LEU B 153 -13.54 -22.00 -25.24
N ILE B 154 -14.31 -21.60 -24.22
CA ILE B 154 -13.67 -21.15 -22.97
C ILE B 154 -13.02 -22.36 -22.28
N LYS B 155 -13.73 -23.49 -22.24
CA LYS B 155 -13.20 -24.66 -21.53
C LYS B 155 -11.92 -25.14 -22.29
N GLU B 156 -11.98 -25.13 -23.63
CA GLU B 156 -10.87 -25.64 -24.40
C GLU B 156 -9.61 -24.74 -24.27
N ILE B 157 -9.75 -23.41 -24.28
CA ILE B 157 -8.61 -22.56 -24.05
C ILE B 157 -8.06 -22.73 -22.63
N THR B 158 -8.96 -22.90 -21.67
CA THR B 158 -8.59 -23.11 -20.24
C THR B 158 -7.72 -24.33 -20.15
N ARG B 159 -8.09 -25.34 -20.89
CA ARG B 159 -7.37 -26.58 -20.81
C ARG B 159 -5.96 -26.40 -21.42
N ARG B 160 -5.89 -25.76 -22.56
CA ARG B 160 -4.58 -25.54 -23.15
C ARG B 160 -3.68 -24.62 -22.34
N ILE B 161 -4.29 -23.63 -21.68
CA ILE B 161 -3.44 -22.75 -20.83
C ILE B 161 -2.96 -23.57 -19.60
N ASN B 162 -3.83 -24.42 -19.01
CA ASN B 162 -3.48 -25.23 -17.81
C ASN B 162 -2.35 -26.18 -18.20
N LEU B 163 -2.27 -26.53 -19.48
CA LEU B 163 -1.13 -27.40 -19.96
C LEU B 163 0.22 -26.69 -19.96
N GLU B 164 0.18 -25.33 -19.84
CA GLU B 164 1.35 -24.51 -19.65
C GLU B 164 1.65 -24.20 -18.14
N ASN B 165 0.93 -24.88 -17.25
CA ASN B 165 1.02 -24.66 -15.82
C ASN B 165 0.61 -23.26 -15.36
N ILE B 166 -0.36 -22.73 -16.09
CA ILE B 166 -0.96 -21.41 -15.83
C ILE B 166 -2.41 -21.58 -15.44
N TRP B 167 -2.78 -20.93 -14.35
CA TRP B 167 -4.05 -21.27 -13.65
C TRP B 167 -4.97 -20.07 -13.41
N GLN B 168 -4.51 -18.91 -13.89
CA GLN B 168 -5.22 -17.66 -13.78
C GLN B 168 -5.27 -16.98 -15.14
N ALA B 169 -6.29 -16.14 -15.31
CA ALA B 169 -6.40 -15.36 -16.51
C ALA B 169 -7.04 -14.02 -16.20
N ILE B 170 -6.82 -13.08 -17.11
CA ILE B 170 -7.42 -11.72 -17.08
C ILE B 170 -8.19 -11.49 -18.35
N TYR B 171 -9.34 -10.83 -18.26
CA TYR B 171 -10.14 -10.58 -19.43
C TYR B 171 -11.04 -9.40 -19.16
N THR B 172 -11.57 -8.77 -20.21
CA THR B 172 -12.59 -7.79 -20.01
C THR B 172 -13.82 -8.07 -20.84
N ALA B 173 -14.91 -7.40 -20.51
CA ALA B 173 -16.14 -7.51 -21.34
C ALA B 173 -17.04 -6.35 -20.98
N GLY B 174 -17.93 -6.05 -21.92
CA GLY B 174 -18.89 -5.00 -21.69
C GLY B 174 -20.07 -5.58 -20.98
N VAL B 175 -20.25 -6.91 -21.05
CA VAL B 175 -21.31 -7.60 -20.34
C VAL B 175 -20.98 -7.90 -18.89
N TYR B 176 -22.02 -7.93 -18.06
CA TYR B 176 -21.85 -8.30 -16.68
C TYR B 176 -21.83 -9.80 -16.51
N LEU B 177 -20.76 -10.28 -15.88
CA LEU B 177 -20.46 -11.70 -15.65
C LEU B 177 -19.97 -11.79 -14.19
N PRO B 178 -20.07 -12.99 -13.58
CA PRO B 178 -19.50 -13.22 -12.25
C PRO B 178 -17.92 -13.26 -12.31
N LYS B 179 -17.21 -12.31 -11.68
CA LYS B 179 -17.74 -11.06 -11.08
C LYS B 179 -16.65 -10.02 -11.32
N PRO B 180 -17.01 -8.74 -11.67
CA PRO B 180 -15.90 -7.79 -11.92
C PRO B 180 -15.06 -7.47 -10.72
N VAL B 181 -13.75 -7.42 -10.94
CA VAL B 181 -12.83 -6.79 -9.95
C VAL B 181 -12.87 -5.28 -10.04
N SER B 182 -13.23 -4.79 -11.20
CA SER B 182 -13.36 -3.31 -11.36
C SER B 182 -14.27 -3.07 -12.59
N ASP B 183 -14.81 -1.87 -12.71
CA ASP B 183 -15.70 -1.54 -13.83
C ASP B 183 -15.38 -0.09 -14.21
N ALA B 184 -15.03 0.15 -15.48
CA ALA B 184 -14.55 1.50 -15.93
C ALA B 184 -15.43 1.93 -17.06
N ARG B 185 -16.10 3.05 -16.87
CA ARG B 185 -16.75 3.69 -18.02
C ARG B 185 -15.76 4.20 -19.03
N TYR B 186 -16.23 4.35 -20.27
CA TYR B 186 -15.43 5.02 -21.27
C TYR B 186 -16.01 6.36 -21.68
N TYR B 187 -15.10 7.20 -22.18
CA TYR B 187 -15.36 8.56 -22.57
C TYR B 187 -14.65 8.75 -23.91
N HIS B 188 -15.15 9.74 -24.65
CA HIS B 188 -14.62 10.04 -25.99
CA HIS B 188 -14.75 10.04 -26.03
C HIS B 188 -14.42 11.50 -26.15
N ARG B 189 -13.38 11.83 -26.89
CA ARG B 189 -13.11 13.22 -27.16
C ARG B 189 -13.16 13.33 -28.69
N SER B 190 -14.18 14.03 -29.15
CA SER B 190 -14.39 14.23 -30.56
C SER B 190 -13.23 14.98 -31.15
N ILE B 191 -12.82 14.63 -32.34
CA ILE B 191 -11.77 15.33 -33.12
C ILE B 191 -12.37 15.82 -34.47
N ASN B 192 -12.93 14.90 -35.25
CA ASN B 192 -13.67 15.24 -36.49
C ASN B 192 -15.17 15.29 -36.19
N VAL B 193 -15.60 16.46 -35.69
CA VAL B 193 -16.92 16.67 -35.06
C VAL B 193 -18.03 16.42 -36.12
N LYS B 194 -17.89 17.03 -37.28
CA LYS B 194 -18.96 16.89 -38.27
C LYS B 194 -19.25 15.42 -38.66
N LYS B 195 -18.18 14.64 -38.83
CA LYS B 195 -18.31 13.26 -39.20
C LYS B 195 -19.02 12.53 -38.07
N LEU B 196 -18.59 12.74 -36.81
CA LEU B 196 -19.24 12.10 -35.66
C LEU B 196 -20.73 12.43 -35.58
N ILE B 197 -21.08 13.66 -35.91
CA ILE B 197 -22.54 14.02 -35.89
C ILE B 197 -23.27 13.27 -37.01
N GLU B 198 -22.68 13.25 -38.17
CA GLU B 198 -23.35 12.68 -39.35
C GLU B 198 -23.57 11.20 -39.25
N ILE B 199 -22.71 10.54 -38.46
CA ILE B 199 -22.78 9.05 -38.36
C ILE B 199 -23.56 8.69 -37.15
N GLY B 200 -23.92 9.67 -36.34
CA GLY B 200 -24.71 9.41 -35.14
C GLY B 200 -23.91 8.96 -33.92
N PHE B 201 -22.61 9.20 -33.93
CA PHE B 201 -21.76 8.89 -32.78
C PHE B 201 -21.96 10.04 -31.79
N SER B 202 -22.03 11.30 -32.24
CA SER B 202 -22.29 12.45 -31.33
C SER B 202 -23.58 13.11 -31.71
N SER B 203 -24.11 13.98 -30.84
CA SER B 203 -25.27 14.83 -31.12
C SER B 203 -25.04 16.37 -30.98
N LEU B 204 -25.92 17.13 -31.63
CA LEU B 204 -26.04 18.58 -31.51
C LEU B 204 -27.39 18.92 -30.88
N ASN B 205 -27.57 20.20 -30.57
CA ASN B 205 -28.80 20.72 -29.95
C ASN B 205 -28.95 22.24 -30.19
N SER B 206 -30.05 22.82 -29.70
CA SER B 206 -30.39 24.20 -30.06
C SER B 206 -29.29 25.19 -29.62
N ARG B 207 -28.66 24.84 -28.49
CA ARG B 207 -27.51 25.56 -27.93
C ARG B 207 -26.27 25.25 -28.74
N LEU B 208 -26.08 23.96 -29.03
CA LEU B 208 -24.96 23.54 -29.86
C LEU B 208 -25.35 23.36 -31.34
N THR B 209 -25.09 24.40 -32.15
CA THR B 209 -25.17 24.34 -33.61
C THR B 209 -23.96 23.60 -34.14
N MET B 210 -24.01 23.16 -35.38
CA MET B 210 -22.83 22.59 -36.04
C MET B 210 -21.53 23.47 -35.97
N SER B 211 -21.63 24.74 -36.35
CA SER B 211 -20.48 25.60 -36.31
C SER B 211 -19.98 25.71 -34.85
N ARG B 212 -20.88 25.78 -33.88
CA ARG B 212 -20.37 25.91 -32.52
C ARG B 212 -19.70 24.62 -32.03
N ALA B 213 -20.20 23.46 -32.50
CA ALA B 213 -19.63 22.21 -32.07
C ALA B 213 -18.21 22.07 -32.62
N ILE B 214 -18.03 22.42 -33.85
CA ILE B 214 -16.73 22.45 -34.46
C ILE B 214 -15.81 23.37 -33.64
N LYS B 215 -16.27 24.58 -33.32
CA LYS B 215 -15.40 25.48 -32.59
C LYS B 215 -15.05 24.95 -31.21
N LEU B 216 -16.02 24.36 -30.51
CA LEU B 216 -15.79 23.81 -29.14
C LEU B 216 -14.66 22.74 -29.15
N TYR B 217 -14.57 21.94 -30.23
CA TYR B 217 -13.58 20.81 -30.28
C TYR B 217 -12.31 21.12 -31.04
N ARG B 218 -12.14 22.36 -31.48
CA ARG B 218 -10.95 22.83 -32.24
C ARG B 218 -9.71 22.67 -31.38
N VAL B 219 -8.64 22.17 -31.99
CA VAL B 219 -7.42 22.05 -31.23
CA VAL B 219 -7.38 21.87 -31.34
C VAL B 219 -6.30 22.84 -31.90
N GLU B 220 -5.47 23.46 -31.07
CA GLU B 220 -4.26 24.18 -31.56
C GLU B 220 -3.23 23.11 -31.93
N ASP B 221 -2.64 23.29 -33.12
CA ASP B 221 -1.69 22.37 -33.68
C ASP B 221 -0.27 22.59 -33.15
N THR B 222 -0.17 22.79 -31.84
CA THR B 222 1.18 22.96 -31.19
C THR B 222 1.23 22.08 -29.92
N LEU B 223 2.30 21.28 -29.74
CA LEU B 223 2.44 20.47 -28.60
C LEU B 223 2.81 21.26 -27.37
N ASN B 224 2.25 20.87 -26.22
CA ASN B 224 2.67 21.40 -24.92
C ASN B 224 4.05 20.97 -24.57
N ILE B 225 4.40 19.75 -24.99
CA ILE B 225 5.73 19.17 -24.80
C ILE B 225 6.36 19.07 -26.18
N LYS B 226 7.15 20.10 -26.49
CA LYS B 226 7.63 20.36 -27.85
C LYS B 226 8.40 19.24 -28.47
N ASN B 227 9.20 18.52 -27.66
CA ASN B 227 10.06 17.47 -28.26
C ASN B 227 9.44 16.06 -28.30
N MET B 228 8.16 15.95 -27.98
CA MET B 228 7.44 14.67 -28.08
CA MET B 228 7.44 14.65 -28.11
C MET B 228 7.63 14.10 -29.52
N ARG B 229 8.17 12.89 -29.60
CA ARG B 229 8.49 12.31 -30.87
C ARG B 229 8.20 10.81 -30.91
N LEU B 230 8.04 10.26 -32.11
CA LEU B 230 7.81 8.83 -32.18
C LEU B 230 8.93 8.11 -31.50
N MET B 231 8.54 7.06 -30.81
CA MET B 231 9.48 6.19 -30.11
C MET B 231 10.32 5.36 -31.09
N LYS B 232 11.55 5.14 -30.69
CA LYS B 232 12.58 4.47 -31.50
C LYS B 232 13.20 3.36 -30.72
N LYS B 233 13.77 2.39 -31.42
CA LYS B 233 14.36 1.26 -30.67
C LYS B 233 15.28 1.63 -29.48
N LYS B 234 16.09 2.66 -29.63
CA LYS B 234 16.98 3.17 -28.54
C LYS B 234 16.22 3.60 -27.30
N ASP B 235 14.92 3.85 -27.40
CA ASP B 235 14.14 4.29 -26.26
C ASP B 235 13.57 3.15 -25.36
N VAL B 236 13.81 1.89 -25.69
CA VAL B 236 13.10 0.78 -25.04
C VAL B 236 13.48 0.72 -23.55
N GLU B 237 14.75 0.94 -23.24
CA GLU B 237 15.11 0.91 -21.81
C GLU B 237 14.47 2.05 -21.00
N GLY B 238 14.49 3.26 -21.57
CA GLY B 238 13.94 4.37 -20.83
C GLY B 238 12.42 4.33 -20.67
N VAL B 239 11.75 3.86 -21.71
CA VAL B 239 10.30 3.61 -21.59
C VAL B 239 10.04 2.49 -20.55
N HIS B 240 10.88 1.46 -20.47
CA HIS B 240 10.65 0.39 -19.50
C HIS B 240 10.73 0.87 -18.05
N LYS B 241 11.71 1.72 -17.80
CA LYS B 241 11.92 2.23 -16.48
C LYS B 241 10.78 3.22 -16.18
N LEU B 242 10.53 4.13 -17.11
CA LEU B 242 9.47 5.13 -16.85
C LEU B 242 8.11 4.41 -16.52
N LEU B 243 7.64 3.60 -17.47
CA LEU B 243 6.36 2.92 -17.30
C LEU B 243 6.36 1.95 -16.14
N GLY B 244 7.45 1.19 -16.00
CA GLY B 244 7.52 0.22 -14.90
C GLY B 244 7.38 0.87 -13.53
N SER B 245 8.15 1.92 -13.30
N SER B 245 8.14 1.93 -13.30
CA SER B 245 8.01 2.67 -12.06
CA SER B 245 8.06 2.70 -12.04
C SER B 245 6.57 3.16 -11.88
C SER B 245 6.66 3.33 -11.83
N TYR B 246 6.01 3.80 -12.90
CA TYR B 246 4.66 4.40 -12.81
C TYR B 246 3.55 3.37 -12.49
N LEU B 247 3.67 2.20 -13.08
CA LEU B 247 2.57 1.25 -12.93
C LEU B 247 2.48 0.68 -11.52
N GLU B 248 3.59 0.77 -10.77
CA GLU B 248 3.61 0.03 -9.51
C GLU B 248 2.62 0.58 -8.47
N GLN B 249 2.12 1.80 -8.68
CA GLN B 249 1.21 2.34 -7.74
C GLN B 249 -0.18 1.62 -7.78
N PHE B 250 -0.49 0.90 -8.87
CA PHE B 250 -1.87 0.45 -9.10
C PHE B 250 -2.15 -0.89 -8.50
N ASN B 251 -3.45 -1.18 -8.41
CA ASN B 251 -3.85 -2.44 -7.77
CA ASN B 251 -3.95 -2.42 -7.77
C ASN B 251 -3.90 -3.61 -8.75
N LEU B 252 -3.79 -3.28 -10.06
CA LEU B 252 -3.89 -4.29 -11.13
C LEU B 252 -3.06 -3.71 -12.30
N TYR B 253 -2.00 -4.42 -12.68
CA TYR B 253 -1.16 -4.00 -13.81
C TYR B 253 -0.32 -5.15 -14.38
N ALA B 254 0.11 -5.00 -15.63
CA ALA B 254 1.06 -5.95 -16.23
C ALA B 254 2.46 -5.59 -15.81
N VAL B 255 3.23 -6.62 -15.58
CA VAL B 255 4.57 -6.39 -15.22
C VAL B 255 5.37 -6.65 -16.48
N PHE B 256 5.77 -5.61 -17.16
CA PHE B 256 6.41 -5.79 -18.49
C PHE B 256 7.90 -6.06 -18.34
N THR B 257 8.42 -6.95 -19.18
CA THR B 257 9.87 -7.07 -19.45
C THR B 257 10.33 -6.09 -20.55
N LYS B 258 11.63 -5.89 -20.67
CA LYS B 258 12.22 -5.17 -21.82
C LYS B 258 11.69 -5.64 -23.15
N GLU B 259 11.70 -6.96 -23.35
CA GLU B 259 11.16 -7.64 -24.58
CA GLU B 259 11.23 -7.51 -24.62
C GLU B 259 9.72 -7.17 -24.82
N GLU B 260 8.90 -7.30 -23.77
CA GLU B 260 7.48 -6.88 -23.90
C GLU B 260 7.36 -5.39 -24.21
N ILE B 261 8.18 -4.53 -23.60
CA ILE B 261 8.07 -3.08 -23.90
C ILE B 261 8.29 -2.84 -25.43
N ALA B 262 9.38 -3.39 -25.97
CA ALA B 262 9.65 -3.31 -27.38
C ALA B 262 8.44 -3.76 -28.23
N HIS B 263 7.87 -4.92 -27.89
CA HIS B 263 6.74 -5.44 -28.64
C HIS B 263 5.53 -4.53 -28.50
N TRP B 264 5.21 -4.04 -27.32
CA TRP B 264 3.89 -3.42 -27.12
C TRP B 264 3.92 -1.97 -27.49
N PHE B 265 5.16 -1.40 -27.58
CA PHE B 265 5.25 0.07 -27.72
C PHE B 265 5.94 0.62 -28.96
N LEU B 266 6.79 -0.15 -29.62
CA LEU B 266 7.44 0.39 -30.76
C LEU B 266 6.41 0.61 -31.88
N PRO B 267 6.46 1.76 -32.54
CA PRO B 267 5.28 2.05 -33.40
C PRO B 267 5.17 1.16 -34.63
N ILE B 268 3.92 0.91 -35.00
CA ILE B 268 3.57 0.23 -36.24
C ILE B 268 2.36 1.05 -36.74
N GLU B 269 2.51 1.64 -37.92
CA GLU B 269 1.48 2.45 -38.56
C GLU B 269 0.15 1.76 -38.61
N ASN B 270 -0.89 2.51 -38.22
CA ASN B 270 -2.28 1.94 -38.20
C ASN B 270 -2.55 0.86 -37.16
N VAL B 271 -1.62 0.76 -36.21
CA VAL B 271 -1.76 -0.22 -35.13
C VAL B 271 -1.45 0.43 -33.77
N ILE B 272 -0.18 0.76 -33.54
CA ILE B 272 0.24 1.28 -32.23
C ILE B 272 1.15 2.52 -32.47
N TYR B 273 0.82 3.59 -31.73
CA TYR B 273 1.57 4.87 -31.80
C TYR B 273 2.12 5.14 -30.42
N THR B 274 3.45 5.34 -30.30
CA THR B 274 4.03 5.69 -29.03
C THR B 274 4.92 6.85 -29.25
N TYR B 275 4.80 7.90 -28.42
CA TYR B 275 5.65 9.08 -28.47
C TYR B 275 6.34 9.28 -27.14
N VAL B 276 7.57 9.76 -27.21
CA VAL B 276 8.42 9.97 -26.01
C VAL B 276 8.98 11.41 -25.98
N ASN B 277 9.30 11.85 -24.79
CA ASN B 277 10.07 13.10 -24.58
C ASN B 277 11.37 12.74 -23.93
N GLU B 278 12.45 12.83 -24.71
CA GLU B 278 13.77 12.58 -24.16
C GLU B 278 14.47 13.90 -23.75
N GLU B 279 14.91 13.99 -22.51
CA GLU B 279 15.65 15.17 -22.04
C GLU B 279 16.89 14.69 -21.33
N ASN B 280 18.09 15.11 -21.78
CA ASN B 280 19.32 14.73 -21.04
C ASN B 280 19.55 13.23 -21.15
N GLY B 281 19.15 12.66 -22.28
CA GLY B 281 19.26 11.23 -22.55
C GLY B 281 18.35 10.31 -21.74
N LYS B 282 17.38 10.92 -21.05
CA LYS B 282 16.44 10.12 -20.29
CA LYS B 282 16.42 10.18 -20.24
C LYS B 282 15.02 10.34 -20.80
N ILE B 283 14.26 9.24 -20.86
CA ILE B 283 12.86 9.31 -21.29
C ILE B 283 12.06 9.81 -20.09
N LYS B 284 11.44 10.95 -20.21
CA LYS B 284 10.74 11.56 -19.10
C LYS B 284 9.23 11.58 -19.21
N ASP B 285 8.70 11.47 -20.43
CA ASP B 285 7.23 11.49 -20.62
C ASP B 285 6.95 10.60 -21.78
N MET B 286 5.75 9.99 -21.80
CA MET B 286 5.37 9.08 -22.90
C MET B 286 3.84 9.13 -23.05
N ILE B 287 3.42 9.00 -24.31
CA ILE B 287 2.03 9.01 -24.83
C ILE B 287 1.91 7.75 -25.69
N SER B 288 0.85 6.98 -25.52
CA SER B 288 0.58 5.87 -26.49
C SER B 288 -0.92 5.65 -26.64
N PHE B 289 -1.26 5.27 -27.88
CA PHE B 289 -2.59 4.94 -28.24
C PHE B 289 -2.57 3.93 -29.34
N TYR B 290 -3.58 3.03 -29.36
CA TYR B 290 -3.70 2.06 -30.47
C TYR B 290 -4.88 2.39 -31.38
N SER B 291 -4.82 1.84 -32.60
CA SER B 291 -5.79 2.11 -33.64
C SER B 291 -6.81 0.98 -33.68
N LEU B 292 -8.10 1.31 -33.46
CA LEU B 292 -9.13 0.33 -33.63
C LEU B 292 -10.37 0.95 -34.31
N PRO B 293 -10.45 0.79 -35.62
CA PRO B 293 -11.57 1.35 -36.33
C PRO B 293 -12.87 0.65 -36.02
N SER B 294 -13.94 1.37 -36.20
CA SER B 294 -15.23 0.66 -36.26
C SER B 294 -15.82 0.69 -37.65
N GLN B 295 -16.34 -0.45 -38.10
CA GLN B 295 -17.17 -0.35 -39.27
C GLN B 295 -18.48 0.35 -38.92
N ILE B 296 -18.89 1.27 -39.79
CA ILE B 296 -20.21 1.93 -39.67
C ILE B 296 -21.24 1.21 -40.50
N LEU B 297 -22.29 0.74 -39.82
CA LEU B 297 -23.27 -0.20 -40.39
C LEU B 297 -24.35 0.60 -41.12
N GLY B 298 -24.55 0.31 -42.40
CA GLY B 298 -25.45 1.10 -43.26
C GLY B 298 -25.36 2.61 -43.34
N ASN B 299 -24.16 3.18 -43.46
CA ASN B 299 -24.10 4.62 -43.72
C ASN B 299 -23.69 4.79 -45.17
N ASP B 300 -24.52 5.45 -45.97
CA ASP B 300 -24.11 5.66 -47.39
C ASP B 300 -22.78 6.47 -47.50
N LYS B 301 -22.57 7.45 -46.60
CA LYS B 301 -21.42 8.35 -46.73
C LYS B 301 -20.08 7.81 -46.19
N TYR B 302 -20.16 7.22 -45.00
CA TYR B 302 -18.92 6.81 -44.35
C TYR B 302 -19.03 5.31 -44.02
N SER B 303 -17.98 4.56 -44.33
CA SER B 303 -17.95 3.18 -43.94
C SER B 303 -17.11 2.89 -42.68
N THR B 304 -16.15 3.75 -42.34
CA THR B 304 -15.15 3.47 -41.28
C THR B 304 -15.04 4.68 -40.38
N LEU B 305 -15.02 4.45 -39.06
CA LEU B 305 -14.75 5.43 -38.04
C LEU B 305 -13.35 5.12 -37.59
N ASN B 306 -12.43 6.08 -37.78
CA ASN B 306 -11.05 5.94 -37.31
C ASN B 306 -10.91 6.41 -35.88
N ALA B 307 -10.55 5.51 -34.99
CA ALA B 307 -10.57 5.80 -33.56
C ALA B 307 -9.22 5.42 -32.94
N ALA B 308 -8.68 6.36 -32.20
CA ALA B 308 -7.54 6.11 -31.30
C ALA B 308 -8.07 5.79 -29.89
N TYR B 309 -7.42 4.83 -29.29
CA TYR B 309 -7.69 4.39 -27.89
C TYR B 309 -6.47 4.58 -27.00
N SER B 310 -6.68 5.41 -25.98
CA SER B 310 -5.65 5.64 -24.94
C SER B 310 -5.09 4.36 -24.41
N PHE B 311 -3.74 4.30 -24.37
CA PHE B 311 -3.11 3.03 -23.91
C PHE B 311 -2.38 3.35 -22.60
N TYR B 312 -1.05 3.70 -22.66
CA TYR B 312 -0.33 4.14 -21.46
C TYR B 312 0.29 5.52 -21.67
N ASN B 313 0.10 6.41 -20.69
CA ASN B 313 0.53 7.82 -20.75
C ASN B 313 1.14 8.16 -19.38
N VAL B 314 2.35 8.69 -19.37
CA VAL B 314 3.06 9.04 -18.13
C VAL B 314 3.73 10.39 -18.33
N THR B 315 3.58 11.31 -17.38
CA THR B 315 4.31 12.59 -17.44
C THR B 315 5.09 12.82 -16.16
N THR B 316 6.34 13.23 -16.35
CA THR B 316 7.11 13.78 -15.23
C THR B 316 7.56 15.21 -15.44
N THR B 317 7.29 15.79 -16.61
CA THR B 317 7.78 17.18 -16.91
C THR B 317 6.61 18.14 -17.17
N ALA B 318 5.37 17.65 -17.24
CA ALA B 318 4.19 18.52 -17.54
C ALA B 318 3.06 18.14 -16.62
N THR B 319 1.90 18.75 -16.71
CA THR B 319 0.79 18.24 -15.95
C THR B 319 0.14 17.06 -16.77
N PHE B 320 -0.59 16.18 -16.10
CA PHE B 320 -1.35 15.13 -16.79
C PHE B 320 -2.33 15.68 -17.83
N LYS B 321 -3.04 16.75 -17.49
CA LYS B 321 -3.83 17.46 -18.49
C LYS B 321 -3.03 17.89 -19.74
N GLN B 322 -1.89 18.53 -19.55
CA GLN B 322 -1.06 18.95 -20.72
C GLN B 322 -0.64 17.72 -21.53
N LEU B 323 -0.35 16.59 -20.85
CA LEU B 323 0.10 15.42 -21.60
C LEU B 323 -1.02 14.84 -22.46
N MET B 324 -2.20 14.82 -21.87
CA MET B 324 -3.32 14.22 -22.54
C MET B 324 -3.80 15.12 -23.63
N GLN B 325 -3.62 16.44 -23.49
CA GLN B 325 -4.00 17.35 -24.56
C GLN B 325 -3.00 17.06 -25.73
N ASP B 326 -1.76 16.76 -25.41
CA ASP B 326 -0.84 16.37 -26.48
C ASP B 326 -1.23 15.10 -27.18
N ALA B 327 -1.75 14.16 -26.40
CA ALA B 327 -2.21 12.86 -26.93
C ALA B 327 -3.33 13.02 -27.94
N ILE B 328 -4.30 13.87 -27.57
CA ILE B 328 -5.39 14.22 -28.52
C ILE B 328 -4.84 14.82 -29.79
N LEU B 329 -3.91 15.80 -29.68
CA LEU B 329 -3.35 16.46 -30.83
C LEU B 329 -2.59 15.41 -31.67
N LEU B 330 -1.80 14.54 -31.05
CA LEU B 330 -1.08 13.55 -31.87
C LEU B 330 -2.02 12.59 -32.57
N ALA B 331 -3.09 12.18 -31.89
CA ALA B 331 -4.16 11.45 -32.55
C ALA B 331 -4.73 12.24 -33.76
N LYS B 332 -4.96 13.55 -33.61
CA LYS B 332 -5.48 14.37 -34.74
C LYS B 332 -4.50 14.35 -35.90
N ARG B 333 -3.24 14.50 -35.57
CA ARG B 333 -2.16 14.53 -36.57
C ARG B 333 -2.09 13.23 -37.36
N ASN B 334 -2.53 12.13 -36.77
CA ASN B 334 -2.52 10.81 -37.43
C ASN B 334 -3.90 10.43 -38.01
N ASN B 335 -4.80 11.41 -38.15
CA ASN B 335 -6.00 11.30 -38.96
C ASN B 335 -7.12 10.51 -38.21
N PHE B 336 -7.05 10.46 -36.85
CA PHE B 336 -8.11 9.82 -36.10
C PHE B 336 -9.32 10.76 -36.00
N ASP B 337 -10.49 10.17 -35.97
CA ASP B 337 -11.70 10.95 -35.84
C ASP B 337 -12.12 11.18 -34.40
N VAL B 338 -11.62 10.37 -33.49
CA VAL B 338 -12.14 10.34 -32.09
C VAL B 338 -10.98 9.70 -31.28
N PHE B 339 -10.87 10.22 -30.08
CA PHE B 339 -9.89 9.67 -29.11
C PHE B 339 -10.74 9.19 -27.90
N ASN B 340 -10.49 7.90 -27.52
CA ASN B 340 -11.27 7.14 -26.58
C ASN B 340 -10.42 6.78 -25.37
N ALA B 341 -11.01 6.97 -24.21
CA ALA B 341 -10.27 6.57 -23.00
C ALA B 341 -11.20 5.97 -21.94
N LEU B 342 -10.63 5.09 -21.13
CA LEU B 342 -11.33 4.61 -19.94
C LEU B 342 -10.97 5.39 -18.67
N GLU B 343 -11.87 5.40 -17.70
CA GLU B 343 -11.64 6.11 -16.36
C GLU B 343 -10.72 5.30 -15.48
N VAL B 344 -9.65 4.82 -16.05
CA VAL B 344 -8.59 4.09 -15.29
C VAL B 344 -7.37 4.95 -15.11
N MET B 345 -6.45 4.50 -14.28
CA MET B 345 -5.27 5.35 -13.90
C MET B 345 -5.76 6.76 -13.50
N GLN B 346 -5.06 7.80 -13.95
CA GLN B 346 -5.46 9.21 -13.62
C GLN B 346 -6.38 9.79 -14.68
N ASN B 347 -6.91 8.97 -15.59
CA ASN B 347 -7.58 9.56 -16.73
C ASN B 347 -8.76 10.40 -16.35
N LYS B 348 -9.53 10.01 -15.35
CA LYS B 348 -10.88 10.63 -15.15
C LYS B 348 -10.70 12.12 -14.84
N SER B 349 -9.56 12.41 -14.24
CA SER B 349 -9.27 13.83 -13.77
C SER B 349 -9.15 14.86 -14.91
N VAL B 350 -8.91 14.42 -16.14
CA VAL B 350 -8.68 15.36 -17.26
C VAL B 350 -9.91 15.42 -18.15
N PHE B 351 -10.89 14.56 -17.90
CA PHE B 351 -12.06 14.36 -18.84
C PHE B 351 -12.88 15.65 -19.02
N GLU B 352 -13.21 16.30 -17.92
CA GLU B 352 -14.06 17.48 -18.08
C GLU B 352 -13.33 18.62 -18.78
N ASP B 353 -12.17 18.98 -18.26
CA ASP B 353 -11.38 20.05 -18.87
C ASP B 353 -11.00 19.79 -20.34
N LEU B 354 -10.88 18.50 -20.69
CA LEU B 354 -10.43 18.22 -22.06
C LEU B 354 -11.54 17.91 -23.00
N LYS B 355 -12.76 18.14 -22.56
CA LYS B 355 -13.94 18.08 -23.41
C LYS B 355 -14.36 16.66 -23.80
N PHE B 356 -13.98 15.70 -22.96
CA PHE B 356 -14.45 14.32 -23.17
C PHE B 356 -15.94 14.23 -22.84
N GLY B 357 -16.66 13.41 -23.54
CA GLY B 357 -18.04 13.16 -23.20
C GLY B 357 -18.14 11.76 -22.71
N GLU B 358 -19.02 11.53 -21.75
CA GLU B 358 -19.30 10.15 -21.23
C GLU B 358 -19.97 9.29 -22.30
N GLY B 359 -19.49 8.05 -22.47
CA GLY B 359 -20.08 7.09 -23.35
C GLY B 359 -21.31 6.37 -22.75
N ASP B 360 -21.71 5.33 -23.43
CA ASP B 360 -22.96 4.60 -23.17
C ASP B 360 -22.82 3.34 -22.33
N GLY B 361 -21.62 3.05 -21.88
CA GLY B 361 -21.46 1.75 -21.25
C GLY B 361 -20.10 1.68 -20.55
N SER B 362 -19.80 0.50 -20.06
CA SER B 362 -18.61 0.39 -19.27
C SER B 362 -17.87 -0.92 -19.63
N LEU B 363 -16.58 -0.94 -19.34
CA LEU B 363 -15.75 -2.15 -19.56
C LEU B 363 -15.56 -2.77 -18.20
N LYS B 364 -16.00 -4.01 -18.03
CA LYS B 364 -15.77 -4.74 -16.79
C LYS B 364 -14.44 -5.54 -16.84
N TYR B 365 -13.67 -5.48 -15.77
CA TYR B 365 -12.37 -6.20 -15.67
C TYR B 365 -12.58 -7.43 -14.82
N TYR B 366 -12.07 -8.59 -15.28
CA TYR B 366 -12.29 -9.89 -14.65
C TYR B 366 -10.98 -10.64 -14.42
N LEU B 367 -10.90 -11.38 -13.33
CA LEU B 367 -9.90 -12.40 -13.14
C LEU B 367 -10.56 -13.80 -13.02
N TYR B 368 -9.86 -14.79 -13.58
CA TYR B 368 -10.27 -16.17 -13.51
C TYR B 368 -9.42 -16.93 -12.49
N ASN B 369 -10.11 -17.64 -11.60
CA ASN B 369 -9.49 -18.37 -10.45
C ASN B 369 -8.65 -17.46 -9.54
N TRP B 370 -9.27 -16.33 -9.18
CA TRP B 370 -8.61 -15.38 -8.27
C TRP B 370 -9.67 -14.72 -7.41
N LYS B 371 -9.43 -14.73 -6.12
CA LYS B 371 -10.30 -14.12 -5.11
C LYS B 371 -9.61 -12.87 -4.56
N CYS B 372 -10.28 -11.70 -4.64
CA CYS B 372 -9.74 -10.47 -4.06
C CYS B 372 -10.80 -9.42 -3.92
N ALA B 373 -10.49 -8.37 -3.16
CA ALA B 373 -11.43 -7.25 -3.08
C ALA B 373 -11.50 -6.58 -4.44
N SER B 374 -12.66 -5.95 -4.69
CA SER B 374 -12.90 -5.28 -5.89
C SER B 374 -12.51 -3.83 -5.59
N PHE B 375 -12.33 -3.06 -6.63
CA PHE B 375 -11.76 -1.73 -6.41
C PHE B 375 -12.23 -0.74 -7.50
N ALA B 376 -12.20 0.55 -7.14
CA ALA B 376 -12.57 1.64 -8.11
C ALA B 376 -11.59 1.60 -9.30
N PRO B 377 -12.04 2.05 -10.49
CA PRO B 377 -11.18 1.91 -11.69
C PRO B 377 -10.00 2.87 -11.66
N ALA B 378 -9.97 3.93 -10.80
CA ALA B 378 -8.68 4.71 -10.70
C ALA B 378 -7.51 3.84 -10.23
N HIS B 379 -7.83 2.69 -9.61
CA HIS B 379 -6.80 1.76 -9.10
C HIS B 379 -6.43 0.75 -10.20
N VAL B 380 -7.13 0.81 -11.34
CA VAL B 380 -6.77 -0.10 -12.48
C VAL B 380 -5.59 0.49 -13.25
N GLY B 381 -4.54 -0.30 -13.48
CA GLY B 381 -3.40 0.16 -14.27
C GLY B 381 -3.10 -0.75 -15.43
N ILE B 382 -4.17 -1.31 -16.04
CA ILE B 382 -4.02 -2.15 -17.30
C ILE B 382 -5.06 -1.72 -18.29
N VAL B 383 -4.66 -1.64 -19.57
CA VAL B 383 -5.61 -1.40 -20.68
C VAL B 383 -5.44 -2.58 -21.60
N LEU B 384 -6.51 -3.37 -21.77
CA LEU B 384 -6.46 -4.46 -22.72
C LEU B 384 -6.79 -3.98 -24.14
N LEU B 385 -6.60 -4.87 -25.10
CA LEU B 385 -6.73 -4.48 -26.52
C LEU B 385 -8.13 -4.66 -27.06
N ASP C 2 25.93 7.88 26.08
N ASP C 2 23.55 8.07 24.90
CA ASP C 2 25.09 7.77 24.85
CA ASP C 2 24.30 8.87 23.88
C ASP C 2 25.72 6.85 23.78
C ASP C 2 24.60 8.14 22.55
N TYR C 3 25.62 7.26 22.51
CA TYR C 3 25.93 6.38 21.32
C TYR C 3 26.60 7.21 20.20
N LYS C 4 27.79 7.69 20.50
CA LYS C 4 28.44 8.64 19.61
C LYS C 4 28.88 7.98 18.33
N PHE C 5 29.14 6.67 18.41
CA PHE C 5 29.43 5.94 17.21
C PHE C 5 28.18 5.50 16.50
N TRP C 6 27.29 4.81 17.20
CA TRP C 6 26.11 4.33 16.52
C TRP C 6 25.29 5.42 15.87
N TYR C 7 25.37 6.64 16.39
CA TYR C 7 24.62 7.85 15.88
CA TYR C 7 24.43 7.59 15.81
C TYR C 7 25.00 8.18 14.45
N THR C 8 26.27 7.86 14.12
CA THR C 8 26.78 8.13 12.81
C THR C 8 26.35 7.10 11.75
N GLN C 9 25.82 5.96 12.17
CA GLN C 9 25.54 4.82 11.31
C GLN C 9 24.09 4.77 10.88
N PRO C 10 23.79 4.01 9.80
CA PRO C 10 22.40 3.94 9.28
C PRO C 10 21.60 2.88 10.08
N VAL C 11 21.28 3.24 11.32
CA VAL C 11 20.48 2.39 12.27
C VAL C 11 19.52 3.35 12.91
N PRO C 12 18.48 2.83 13.57
CA PRO C 12 17.48 3.82 14.08
C PRO C 12 18.06 4.52 15.30
N LYS C 13 17.48 5.65 15.65
CA LYS C 13 17.84 6.31 16.91
C LYS C 13 17.13 5.57 18.02
N ILE C 14 17.66 5.69 19.23
CA ILE C 14 17.21 4.86 20.37
CA ILE C 14 17.23 4.90 20.39
C ILE C 14 15.73 5.06 20.70
N ASN C 15 15.18 6.23 20.37
CA ASN C 15 13.73 6.42 20.50
C ASN C 15 12.87 6.22 19.28
N ASP C 16 13.47 5.88 18.12
CA ASP C 16 12.64 5.61 16.91
C ASP C 16 11.58 4.47 16.99
N GLU C 17 10.38 4.75 16.49
CA GLU C 17 9.42 3.67 16.16
C GLU C 17 8.90 3.79 14.75
N PHE C 18 8.53 2.66 14.12
CA PHE C 18 8.17 2.67 12.70
C PHE C 18 6.81 2.04 12.53
N ASN C 19 6.01 2.60 11.62
CA ASN C 19 4.73 1.98 11.28
C ASN C 19 4.98 0.66 10.57
N GLU C 20 3.98 -0.20 10.77
CA GLU C 20 3.87 -1.55 10.23
C GLU C 20 4.26 -1.65 8.75
N SER C 21 3.86 -0.64 7.99
CA SER C 21 4.11 -0.61 6.56
C SER C 21 5.55 -0.25 6.13
N VAL C 22 6.32 0.29 7.04
CA VAL C 22 7.71 0.70 6.69
C VAL C 22 8.63 -0.50 6.62
N ASN C 23 9.42 -0.65 5.56
CA ASN C 23 10.28 -1.87 5.43
C ASN C 23 11.28 -1.64 4.37
N GLU C 24 12.36 -0.93 4.71
CA GLU C 24 13.27 -0.42 3.68
C GLU C 24 14.59 -0.02 4.28
N PRO C 25 15.62 0.22 3.43
CA PRO C 25 16.87 0.71 3.98
C PRO C 25 16.77 2.17 4.51
N PHE C 26 17.78 2.54 5.32
CA PHE C 26 17.91 3.93 5.66
C PHE C 26 18.49 4.63 4.45
N ILE C 27 19.45 3.97 3.82
CA ILE C 27 20.26 4.58 2.77
C ILE C 27 20.19 3.60 1.59
N SER C 28 19.57 4.06 0.48
CA SER C 28 19.50 3.29 -0.76
CA SER C 28 19.50 3.30 -0.76
C SER C 28 20.41 3.84 -1.84
N ASP C 29 20.43 3.15 -2.97
CA ASP C 29 21.18 3.59 -4.15
C ASP C 29 22.69 3.60 -3.91
N ASN C 30 23.15 2.60 -3.16
CA ASN C 30 24.55 2.55 -2.78
C ASN C 30 25.39 2.14 -4.00
N LYS C 31 26.67 2.55 -4.10
CA LYS C 31 27.45 2.04 -5.22
C LYS C 31 28.80 1.41 -4.85
N VAL C 32 29.04 0.19 -5.30
CA VAL C 32 30.33 -0.48 -4.98
C VAL C 32 31.47 0.42 -5.41
N GLU C 33 31.32 1.09 -6.55
CA GLU C 33 32.44 1.91 -7.07
CA GLU C 33 32.35 2.02 -7.11
C GLU C 33 32.90 3.06 -6.12
N ASP C 34 32.02 3.55 -5.21
CA ASP C 34 32.30 4.66 -4.34
C ASP C 34 32.82 4.22 -2.95
N VAL C 35 32.89 2.90 -2.73
CA VAL C 35 33.27 2.38 -1.40
C VAL C 35 34.72 2.72 -1.18
N ARG C 36 35.09 2.99 0.05
CA ARG C 36 36.49 3.15 0.41
C ARG C 36 37.34 1.92 0.02
N LYS C 37 38.42 2.17 -0.67
CA LYS C 37 39.35 1.12 -1.03
C LYS C 37 40.50 0.93 -0.04
N ASP C 38 40.60 1.84 0.93
CA ASP C 38 41.72 1.86 1.89
C ASP C 38 41.22 1.22 3.21
N GLU C 39 41.97 0.30 3.79
CA GLU C 39 41.65 -0.23 5.13
C GLU C 39 41.59 0.91 6.19
N TYR C 40 40.69 0.81 7.17
CA TYR C 40 40.71 1.71 8.27
C TYR C 40 41.95 1.68 9.06
N LYS C 41 42.26 2.85 9.59
CA LYS C 41 43.55 3.03 10.25
CA LYS C 41 43.51 3.08 10.30
C LYS C 41 43.43 2.56 11.70
N LEU C 42 44.47 1.85 12.10
CA LEU C 42 44.67 1.28 13.45
C LEU C 42 45.76 2.09 14.20
N PRO C 43 45.74 2.06 15.53
CA PRO C 43 46.80 2.63 16.33
C PRO C 43 48.23 2.04 16.04
N PRO C 44 49.26 2.79 16.40
CA PRO C 44 50.63 2.41 16.07
C PRO C 44 50.97 1.06 16.64
N GLY C 45 51.47 0.18 15.78
CA GLY C 45 51.91 -1.15 16.20
C GLY C 45 50.85 -2.20 16.05
N TYR C 46 49.65 -1.86 15.58
CA TYR C 46 48.62 -2.85 15.30
C TYR C 46 48.39 -2.96 13.82
N SER C 47 48.10 -4.17 13.34
CA SER C 47 47.95 -4.46 11.89
CA SER C 47 47.89 -4.36 11.89
C SER C 47 46.74 -5.30 11.63
N TRP C 48 46.10 -5.10 10.51
CA TRP C 48 45.06 -6.01 10.08
C TRP C 48 45.72 -7.34 9.66
N TYR C 49 44.97 -8.43 9.83
CA TYR C 49 45.42 -9.74 9.57
C TYR C 49 44.38 -10.51 8.80
N VAL C 50 44.80 -11.25 7.78
CA VAL C 50 43.81 -12.04 6.99
C VAL C 50 43.78 -13.43 7.69
N CYS C 51 42.68 -13.69 8.40
CA CYS C 51 42.66 -14.96 9.14
C CYS C 51 42.20 -15.97 8.17
N ASP C 52 43.01 -16.97 7.87
CA ASP C 52 42.53 -18.21 7.11
C ASP C 52 41.95 -19.30 8.02
N VAL C 53 40.60 -19.35 8.22
N VAL C 53 40.60 -19.33 8.12
CA VAL C 53 40.03 -20.27 9.23
CA VAL C 53 39.92 -20.19 9.06
C VAL C 53 40.20 -21.75 8.82
C VAL C 53 40.14 -21.68 8.80
N LYS C 54 40.43 -22.03 7.53
CA LYS C 54 40.68 -23.43 7.14
C LYS C 54 42.13 -23.88 7.53
N ASP C 55 43.01 -22.92 7.81
CA ASP C 55 44.37 -23.17 8.30
C ASP C 55 44.34 -23.46 9.80
N GLU C 56 44.85 -24.60 10.22
CA GLU C 56 44.69 -24.96 11.63
CA GLU C 56 44.74 -24.99 11.63
C GLU C 56 45.43 -23.97 12.57
N LYS C 57 46.60 -23.46 12.15
CA LYS C 57 47.32 -22.51 13.03
C LYS C 57 46.47 -21.18 13.26
N ASP C 58 45.92 -20.65 12.18
CA ASP C 58 45.18 -19.40 12.25
C ASP C 58 43.93 -19.63 13.06
N ARG C 59 43.28 -20.78 12.81
CA ARG C 59 42.07 -21.11 13.52
C ARG C 59 42.33 -21.21 15.05
N SER C 60 43.48 -21.79 15.41
CA SER C 60 43.84 -21.89 16.82
CA SER C 60 43.84 -21.87 16.82
C SER C 60 44.05 -20.51 17.46
N GLU C 61 44.62 -19.57 16.68
CA GLU C 61 44.88 -18.19 17.18
C GLU C 61 43.51 -17.51 17.45
N ILE C 62 42.49 -17.76 16.60
CA ILE C 62 41.13 -17.21 16.83
C ILE C 62 40.53 -17.87 18.06
N TYR C 63 40.67 -19.19 18.14
CA TYR C 63 40.13 -19.97 19.28
C TYR C 63 40.70 -19.43 20.61
N THR C 64 41.97 -19.19 20.68
CA THR C 64 42.59 -18.73 21.94
C THR C 64 42.13 -17.28 22.28
N LEU C 65 42.06 -16.41 21.27
CA LEU C 65 41.58 -15.08 21.50
C LEU C 65 40.20 -15.12 22.15
N LEU C 66 39.28 -15.94 21.59
CA LEU C 66 37.91 -15.99 22.07
C LEU C 66 37.78 -16.69 23.45
N THR C 67 38.57 -17.76 23.62
CA THR C 67 38.57 -18.51 24.85
C THR C 67 38.91 -17.55 25.98
N ASP C 68 39.93 -16.73 25.76
CA ASP C 68 40.37 -15.80 26.80
C ASP C 68 39.60 -14.50 26.89
N ASN C 69 38.92 -14.06 25.84
CA ASN C 69 38.43 -12.68 25.84
C ASN C 69 37.01 -12.40 25.40
N TYR C 70 36.29 -13.47 25.13
CA TYR C 70 34.94 -13.32 24.55
C TYR C 70 33.90 -13.10 25.59
N VAL C 71 32.62 -13.35 25.28
CA VAL C 71 31.51 -12.88 26.12
C VAL C 71 31.44 -13.66 27.44
N GLU C 72 31.28 -12.93 28.55
CA GLU C 72 31.06 -13.47 29.88
C GLU C 72 29.65 -13.08 30.31
N ASP C 73 29.03 -13.83 31.22
CA ASP C 73 27.71 -13.41 31.74
C ASP C 73 27.88 -12.13 32.59
N ASP C 74 26.76 -11.54 33.04
CA ASP C 74 26.78 -10.33 33.91
C ASP C 74 27.65 -10.38 35.17
N ASP C 75 27.77 -11.57 35.78
CA ASP C 75 28.49 -11.70 37.04
C ASP C 75 29.83 -12.39 36.94
N ASN C 76 30.33 -12.45 35.70
CA ASN C 76 31.68 -12.85 35.42
C ASN C 76 32.06 -14.20 36.00
N ILE C 77 31.09 -15.12 35.91
CA ILE C 77 31.35 -16.47 36.37
CA ILE C 77 31.17 -16.51 36.37
C ILE C 77 31.46 -17.47 35.23
N PHE C 78 30.92 -17.12 34.05
CA PHE C 78 31.14 -17.95 32.85
C PHE C 78 31.61 -17.11 31.68
N ARG C 79 32.36 -17.79 30.80
CA ARG C 79 32.77 -17.18 29.52
C ARG C 79 32.52 -18.18 28.36
N PHE C 80 31.89 -17.73 27.28
CA PHE C 80 31.70 -18.71 26.18
C PHE C 80 33.05 -19.26 25.68
N ASN C 81 33.04 -20.55 25.28
CA ASN C 81 34.25 -21.21 24.87
C ASN C 81 33.90 -21.99 23.56
N TYR C 82 33.56 -21.25 22.49
CA TYR C 82 33.47 -21.86 21.15
C TYR C 82 34.71 -22.72 20.79
N SER C 83 34.49 -23.96 20.36
CA SER C 83 35.67 -24.83 20.01
C SER C 83 36.24 -24.39 18.66
N ALA C 84 37.48 -24.79 18.37
CA ALA C 84 38.04 -24.59 17.04
C ALA C 84 37.16 -25.19 15.95
N GLU C 85 36.58 -26.35 16.21
CA GLU C 85 35.82 -27.02 15.18
C GLU C 85 34.50 -26.30 14.91
N PHE C 86 33.88 -25.73 15.96
CA PHE C 86 32.73 -24.94 15.85
C PHE C 86 33.04 -23.72 15.05
N LEU C 87 34.20 -23.10 15.25
CA LEU C 87 34.51 -21.90 14.46
C LEU C 87 34.69 -22.22 12.97
N LEU C 88 35.25 -23.38 12.65
CA LEU C 88 35.38 -23.84 11.24
C LEU C 88 33.97 -23.92 10.62
N TRP C 89 33.05 -24.57 11.30
CA TRP C 89 31.70 -24.73 10.84
C TRP C 89 30.97 -23.40 10.70
N ALA C 90 31.07 -22.55 11.70
CA ALA C 90 30.31 -21.34 11.68
C ALA C 90 30.82 -20.36 10.64
N LEU C 91 32.13 -20.44 10.27
CA LEU C 91 32.58 -19.43 9.37
C LEU C 91 32.74 -19.81 7.89
N THR C 92 32.52 -21.06 7.51
CA THR C 92 32.86 -21.53 6.15
C THR C 92 31.61 -22.06 5.50
N SER C 93 30.45 -21.42 5.80
CA SER C 93 29.22 -21.74 5.11
C SER C 93 29.28 -21.44 3.63
N PRO C 94 28.24 -21.84 2.88
CA PRO C 94 28.38 -21.73 1.43
C PRO C 94 28.58 -20.30 0.97
N ASN C 95 29.50 -20.17 0.02
CA ASN C 95 29.83 -18.84 -0.60
C ASN C 95 30.46 -17.82 0.37
N TYR C 96 30.97 -18.34 1.48
CA TYR C 96 31.66 -17.47 2.42
C TYR C 96 32.81 -16.69 1.75
N LEU C 97 33.08 -15.53 2.36
CA LEU C 97 34.18 -14.62 1.91
C LEU C 97 35.32 -14.62 2.87
N LYS C 98 36.49 -14.92 2.34
CA LYS C 98 37.70 -15.02 3.18
C LYS C 98 38.07 -13.58 3.70
N THR C 99 37.65 -12.58 2.94
CA THR C 99 37.89 -11.20 3.26
C THR C 99 37.06 -10.77 4.47
N TRP C 100 36.03 -11.57 4.83
CA TRP C 100 35.15 -11.23 5.95
C TRP C 100 35.54 -11.92 7.26
N HIS C 101 36.74 -12.49 7.33
CA HIS C 101 37.35 -13.08 8.56
C HIS C 101 38.57 -12.24 8.99
N ILE C 102 38.30 -11.27 9.85
CA ILE C 102 39.23 -10.14 10.06
C ILE C 102 39.91 -10.17 11.40
N GLY C 103 41.24 -10.25 11.39
CA GLY C 103 41.98 -10.27 12.64
C GLY C 103 42.71 -8.92 12.81
N VAL C 104 43.07 -8.58 14.06
CA VAL C 104 43.93 -7.44 14.32
C VAL C 104 45.04 -8.02 15.17
N LYS C 105 46.24 -7.80 14.74
CA LYS C 105 47.42 -8.34 15.47
C LYS C 105 48.14 -7.19 16.13
N TYR C 106 48.84 -7.49 17.25
CA TYR C 106 49.88 -6.61 17.81
C TYR C 106 51.22 -6.93 17.26
N ASP C 107 51.90 -5.95 16.64
CA ASP C 107 53.09 -6.31 15.87
C ASP C 107 54.28 -6.77 16.75
N ALA C 108 54.32 -6.25 17.96
CA ALA C 108 55.30 -6.61 18.96
C ALA C 108 55.30 -8.08 19.33
N SER C 109 54.09 -8.69 19.34
CA SER C 109 53.89 -10.10 19.80
C SER C 109 53.46 -11.00 18.64
N ASN C 110 52.95 -10.42 17.58
CA ASN C 110 52.50 -11.19 16.41
C ASN C 110 51.34 -12.10 16.87
N LYS C 111 50.64 -11.64 17.91
CA LYS C 111 49.42 -12.29 18.37
CA LYS C 111 49.43 -12.29 18.38
C LYS C 111 48.14 -11.49 18.12
N LEU C 112 47.08 -12.23 17.99
CA LEU C 112 45.75 -11.67 17.75
C LEU C 112 45.23 -10.92 18.94
N ILE C 113 44.86 -9.63 18.74
CA ILE C 113 44.21 -8.88 19.84
C ILE C 113 42.76 -8.46 19.54
N GLY C 114 42.33 -8.71 18.30
CA GLY C 114 40.98 -8.50 17.87
C GLY C 114 40.56 -9.35 16.70
N PHE C 115 39.25 -9.37 16.51
CA PHE C 115 38.62 -10.28 15.58
C PHE C 115 37.22 -9.75 15.31
N ILE C 116 36.75 -9.89 14.06
CA ILE C 116 35.32 -9.78 13.76
C ILE C 116 35.04 -10.65 12.55
N SER C 117 33.81 -11.16 12.37
CA SER C 117 33.57 -11.99 11.16
C SER C 117 32.16 -11.72 10.63
N ALA C 118 31.93 -12.17 9.40
CA ALA C 118 30.61 -12.17 8.80
C ALA C 118 30.56 -13.29 7.80
N ILE C 119 29.33 -13.81 7.57
CA ILE C 119 29.10 -14.77 6.48
C ILE C 119 27.86 -14.22 5.71
N PRO C 120 27.74 -14.57 4.45
CA PRO C 120 26.59 -14.10 3.62
C PRO C 120 25.32 -14.99 3.74
N THR C 121 24.16 -14.35 3.83
CA THR C 121 22.93 -15.13 3.87
CA THR C 121 22.90 -15.10 4.00
C THR C 121 21.77 -14.27 3.44
N ASP C 122 20.73 -14.92 2.93
CA ASP C 122 19.58 -14.21 2.43
C ASP C 122 18.64 -14.17 3.61
N ILE C 123 18.26 -12.96 4.04
CA ILE C 123 17.40 -12.75 5.18
C ILE C 123 16.08 -12.27 4.65
N CYS C 124 15.01 -12.92 5.09
CA CYS C 124 13.65 -12.35 4.81
C CYS C 124 13.09 -11.64 5.99
N ILE C 125 12.86 -10.32 5.81
CA ILE C 125 12.40 -9.41 6.86
C ILE C 125 11.09 -8.77 6.43
N HIS C 126 10.05 -8.94 7.24
CA HIS C 126 8.69 -8.48 6.82
CA HIS C 126 8.71 -8.47 6.85
C HIS C 126 8.38 -8.79 5.37
N LYS C 127 8.66 -10.05 4.98
CA LYS C 127 8.35 -10.60 3.65
CA LYS C 127 8.34 -10.56 3.63
C LYS C 127 9.19 -10.08 2.45
N ARG C 128 10.20 -9.20 2.70
CA ARG C 128 11.19 -8.85 1.64
C ARG C 128 12.50 -9.62 1.92
N THR C 129 13.04 -10.25 0.90
CA THR C 129 14.31 -11.04 1.03
C THR C 129 15.46 -10.18 0.51
N ILE C 130 16.42 -9.92 1.41
CA ILE C 130 17.60 -9.02 1.17
C ILE C 130 18.87 -9.87 1.39
N LYS C 131 19.90 -9.69 0.56
CA LYS C 131 21.18 -10.35 0.83
CA LYS C 131 21.19 -10.33 0.82
C LYS C 131 21.85 -9.57 1.98
N MET C 132 22.20 -10.27 3.04
CA MET C 132 22.78 -9.65 4.21
C MET C 132 24.08 -10.33 4.62
N ALA C 133 24.86 -9.60 5.41
CA ALA C 133 25.93 -10.21 6.19
C ALA C 133 25.42 -10.55 7.59
N GLU C 134 25.76 -11.74 8.10
CA GLU C 134 25.49 -12.03 9.51
C GLU C 134 26.80 -11.91 10.22
N VAL C 135 26.90 -10.96 11.15
CA VAL C 135 28.12 -10.57 11.87
C VAL C 135 28.17 -11.26 13.21
N ASN C 136 29.33 -11.78 13.55
CA ASN C 136 29.50 -12.48 14.79
CA ASN C 136 29.50 -12.54 14.76
C ASN C 136 30.96 -12.48 15.19
N PHE C 137 31.22 -12.81 16.45
CA PHE C 137 32.57 -12.98 16.98
C PHE C 137 33.32 -11.73 17.10
N LEU C 138 32.60 -10.61 17.28
CA LEU C 138 33.34 -9.37 17.55
C LEU C 138 34.10 -9.50 18.90
N CYS C 139 35.43 -9.29 18.90
CA CYS C 139 36.17 -9.43 20.15
C CYS C 139 37.40 -8.53 20.20
N VAL C 140 37.53 -7.77 21.30
CA VAL C 140 38.77 -7.06 21.60
C VAL C 140 39.38 -7.63 22.87
N HIS C 141 40.70 -7.82 22.86
CA HIS C 141 41.42 -8.31 24.03
C HIS C 141 41.08 -7.50 25.27
N LYS C 142 41.06 -8.16 26.42
CA LYS C 142 40.57 -7.52 27.64
C LYS C 142 41.43 -6.39 28.03
N THR C 143 42.75 -6.50 27.77
CA THR C 143 43.70 -5.43 28.07
C THR C 143 43.52 -4.13 27.24
N LEU C 144 42.73 -4.18 26.16
CA LEU C 144 42.57 -3.06 25.18
C LEU C 144 41.14 -2.53 25.07
N ARG C 145 40.37 -2.76 26.15
CA ARG C 145 38.99 -2.33 26.19
C ARG C 145 38.83 -0.79 26.37
N SER C 146 37.71 -0.27 25.91
CA SER C 146 37.39 1.12 26.03
C SER C 146 38.35 2.10 25.34
N LYS C 147 38.93 1.64 24.24
CA LYS C 147 39.89 2.42 23.45
C LYS C 147 39.34 2.68 22.03
N ARG C 148 38.05 2.43 21.86
CA ARG C 148 37.33 2.72 20.60
C ARG C 148 37.89 1.87 19.45
N LEU C 149 38.44 0.67 19.78
CA LEU C 149 38.76 -0.33 18.73
C LEU C 149 37.55 -0.95 18.06
N ALA C 150 36.51 -1.25 18.84
CA ALA C 150 35.36 -1.93 18.23
C ALA C 150 34.77 -1.19 16.99
N PRO C 151 34.60 0.16 17.05
CA PRO C 151 34.05 0.92 15.86
C PRO C 151 35.00 0.77 14.61
N VAL C 152 36.31 0.66 14.86
CA VAL C 152 37.22 0.39 13.74
C VAL C 152 36.96 -0.96 13.10
N LEU C 153 36.86 -2.02 13.91
CA LEU C 153 36.56 -3.32 13.37
C LEU C 153 35.21 -3.31 12.62
N ILE C 154 34.23 -2.64 13.23
CA ILE C 154 32.90 -2.58 12.63
C ILE C 154 32.91 -1.84 11.28
N LYS C 155 33.57 -0.69 11.25
CA LYS C 155 33.70 0.11 10.00
C LYS C 155 34.51 -0.69 8.94
N GLU C 156 35.55 -1.41 9.37
CA GLU C 156 36.38 -2.10 8.37
C GLU C 156 35.50 -3.30 7.80
N ILE C 157 34.80 -4.07 8.65
CA ILE C 157 33.94 -5.11 8.03
C ILE C 157 32.81 -4.59 7.21
N THR C 158 32.19 -3.44 7.61
CA THR C 158 31.19 -2.83 6.79
C THR C 158 31.78 -2.52 5.39
N ARG C 159 33.01 -1.97 5.38
CA ARG C 159 33.59 -1.66 4.09
C ARG C 159 33.71 -2.91 3.19
N ARG C 160 34.18 -4.03 3.76
CA ARG C 160 34.47 -5.26 2.96
C ARG C 160 33.20 -5.95 2.45
N ILE C 161 32.16 -5.83 3.27
CA ILE C 161 30.83 -6.31 2.93
C ILE C 161 30.32 -5.37 1.83
N ASN C 162 30.45 -4.05 1.94
CA ASN C 162 30.03 -3.19 0.85
C ASN C 162 30.66 -3.52 -0.50
N LEU C 163 31.94 -3.95 -0.49
CA LEU C 163 32.64 -4.37 -1.72
C LEU C 163 32.05 -5.59 -2.48
N GLU C 164 31.17 -6.31 -1.75
CA GLU C 164 30.35 -7.39 -2.25
C GLU C 164 28.94 -6.96 -2.66
N ASN C 165 28.72 -5.66 -2.68
CA ASN C 165 27.44 -5.07 -3.08
C ASN C 165 26.32 -5.50 -2.15
N ILE C 166 26.66 -5.55 -0.85
CA ILE C 166 25.80 -5.99 0.24
C ILE C 166 25.79 -4.84 1.22
N TRP C 167 24.57 -4.45 1.61
CA TRP C 167 24.39 -3.17 2.31
C TRP C 167 23.56 -3.26 3.59
N GLN C 168 23.18 -4.48 3.91
CA GLN C 168 22.53 -4.79 5.15
C GLN C 168 23.23 -5.85 5.96
N ALA C 169 23.02 -5.87 7.28
CA ALA C 169 23.53 -6.99 8.07
C ALA C 169 22.54 -7.35 9.19
N ILE C 170 22.76 -8.52 9.75
CA ILE C 170 22.05 -8.93 10.95
C ILE C 170 23.06 -9.32 11.98
N TYR C 171 22.72 -8.98 13.22
CA TYR C 171 23.55 -9.31 14.37
C TYR C 171 22.72 -9.33 15.63
N THR C 172 23.29 -10.04 16.61
CA THR C 172 22.64 -10.06 17.94
C THR C 172 23.59 -9.56 19.03
N ALA C 173 23.06 -9.11 20.17
CA ALA C 173 23.91 -8.83 21.33
C ALA C 173 23.11 -8.84 22.56
N GLY C 174 23.82 -9.13 23.66
CA GLY C 174 23.23 -9.07 25.03
C GLY C 174 23.04 -7.60 25.39
N VAL C 175 23.84 -6.75 24.81
CA VAL C 175 23.73 -5.33 25.16
C VAL C 175 22.66 -4.59 24.37
N TYR C 176 22.15 -3.54 25.01
CA TYR C 176 21.14 -2.67 24.44
C TYR C 176 21.81 -1.53 23.67
N LEU C 177 21.60 -1.54 22.35
CA LEU C 177 22.15 -0.66 21.34
C LEU C 177 21.00 -0.07 20.48
N PRO C 178 21.24 0.99 19.67
CA PRO C 178 20.20 1.49 18.77
C PRO C 178 20.11 0.60 17.53
N LYS C 179 18.97 -0.08 17.29
CA LYS C 179 17.81 -0.24 18.21
C LYS C 179 17.36 -1.68 17.88
N PRO C 180 17.01 -2.49 18.91
CA PRO C 180 16.57 -3.87 18.52
C PRO C 180 15.33 -3.89 17.60
N VAL C 181 15.24 -4.90 16.70
CA VAL C 181 14.02 -5.13 15.93
C VAL C 181 13.21 -6.10 16.72
N SER C 182 13.92 -6.86 17.56
CA SER C 182 13.22 -7.76 18.53
C SER C 182 14.12 -8.09 19.71
N ASP C 183 13.53 -8.51 20.83
CA ASP C 183 14.29 -8.84 22.07
C ASP C 183 13.79 -10.19 22.56
N ALA C 184 14.70 -11.17 22.72
CA ALA C 184 14.25 -12.47 23.19
C ALA C 184 14.93 -12.89 24.46
N ARG C 185 14.14 -13.06 25.54
CA ARG C 185 14.64 -13.69 26.73
C ARG C 185 15.13 -15.08 26.45
N TYR C 186 16.19 -15.48 27.17
CA TYR C 186 16.62 -16.89 27.18
C TYR C 186 16.25 -17.65 28.46
N TYR C 187 16.07 -18.97 28.30
CA TYR C 187 15.53 -19.88 29.31
C TYR C 187 16.42 -21.13 29.28
N HIS C 188 16.47 -21.86 30.40
CA HIS C 188 17.41 -22.99 30.57
CA HIS C 188 17.37 -23.01 30.50
C HIS C 188 16.63 -24.16 31.12
N ARG C 189 16.86 -25.34 30.57
N ARG C 189 16.92 -25.34 30.64
CA ARG C 189 16.35 -26.58 31.18
CA ARG C 189 16.31 -26.47 31.27
C ARG C 189 17.54 -27.28 31.79
C ARG C 189 17.45 -27.33 31.78
N SER C 190 17.57 -27.47 33.11
CA SER C 190 18.68 -28.23 33.76
C SER C 190 18.65 -29.69 33.52
N ILE C 191 19.82 -30.28 33.23
CA ILE C 191 19.97 -31.68 32.98
C ILE C 191 20.87 -32.27 34.12
N ASN C 192 22.12 -31.81 34.23
CA ASN C 192 22.96 -32.22 35.35
CA ASN C 192 22.97 -32.21 35.33
C ASN C 192 22.78 -31.27 36.52
N VAL C 193 21.65 -31.46 37.23
CA VAL C 193 21.18 -30.55 38.28
C VAL C 193 22.25 -30.33 39.38
N LYS C 194 22.93 -31.40 39.78
CA LYS C 194 23.89 -31.30 40.87
C LYS C 194 24.97 -30.27 40.43
N LYS C 195 25.50 -30.48 39.23
CA LYS C 195 26.63 -29.61 38.79
C LYS C 195 26.18 -28.15 38.58
N LEU C 196 25.02 -27.93 37.97
CA LEU C 196 24.44 -26.58 37.85
C LEU C 196 24.21 -25.83 39.17
N ILE C 197 23.84 -26.58 40.21
CA ILE C 197 23.77 -25.97 41.55
C ILE C 197 25.14 -25.63 42.10
N GLU C 198 26.07 -26.58 42.03
CA GLU C 198 27.46 -26.36 42.47
C GLU C 198 28.10 -25.08 41.88
N ILE C 199 27.96 -24.87 40.57
CA ILE C 199 28.68 -23.76 39.90
C ILE C 199 27.94 -22.43 39.91
N GLY C 200 26.73 -22.40 40.45
CA GLY C 200 25.98 -21.15 40.50
C GLY C 200 25.34 -20.60 39.22
N PHE C 201 24.98 -21.50 38.31
CA PHE C 201 24.16 -21.19 37.18
C PHE C 201 22.73 -21.16 37.75
N VAL C 219 14.49 -37.66 34.10
CA VAL C 219 13.83 -37.67 32.79
CA VAL C 219 13.91 -37.67 32.74
C VAL C 219 13.73 -39.12 32.29
N GLU C 220 12.57 -39.48 31.69
CA GLU C 220 12.43 -40.83 31.09
C GLU C 220 13.29 -40.99 29.83
N ASP C 221 14.09 -42.06 29.79
CA ASP C 221 15.00 -42.26 28.66
C ASP C 221 14.26 -42.94 27.51
N THR C 222 13.04 -42.52 27.18
CA THR C 222 12.29 -42.98 25.99
C THR C 222 11.74 -41.82 25.22
N LEU C 223 11.97 -41.83 23.90
CA LEU C 223 11.48 -40.80 22.99
C LEU C 223 10.01 -40.86 22.77
N ASN C 224 9.41 -39.70 22.72
CA ASN C 224 8.01 -39.60 22.28
C ASN C 224 7.87 -39.96 20.79
N ILE C 225 8.87 -39.59 19.96
CA ILE C 225 8.85 -39.85 18.52
C ILE C 225 9.92 -40.94 18.34
N LYS C 226 9.49 -42.21 18.36
CA LYS C 226 10.41 -43.36 18.56
C LYS C 226 11.52 -43.39 17.50
N ASN C 227 11.22 -42.94 16.26
CA ASN C 227 12.15 -43.13 15.17
C ASN C 227 13.13 -41.97 14.93
N MET C 228 13.08 -40.97 15.81
CA MET C 228 13.97 -39.84 15.70
C MET C 228 15.43 -40.30 15.62
N ARG C 229 16.14 -39.85 14.59
CA ARG C 229 17.52 -40.41 14.32
C ARG C 229 18.44 -39.33 13.77
N LEU C 230 19.78 -39.49 13.89
CA LEU C 230 20.67 -38.51 13.30
C LEU C 230 20.39 -38.31 11.83
N MET C 231 20.37 -37.07 11.44
CA MET C 231 20.28 -36.70 10.01
C MET C 231 21.45 -37.23 9.17
N LYS C 232 21.13 -37.78 8.02
N LYS C 232 21.08 -37.71 8.00
CA LYS C 232 22.19 -38.14 7.10
CA LYS C 232 22.04 -38.22 7.02
C LYS C 232 22.02 -37.42 5.80
C LYS C 232 22.01 -37.39 5.78
N LYS C 233 23.05 -37.54 4.96
CA LYS C 233 23.02 -36.85 3.70
C LYS C 233 21.74 -36.97 2.86
N LYS C 234 21.16 -38.18 2.75
CA LYS C 234 19.95 -38.44 1.94
C LYS C 234 18.76 -37.59 2.41
N ASP C 235 18.84 -37.05 3.63
CA ASP C 235 17.73 -36.27 4.27
C ASP C 235 17.72 -34.81 3.98
N VAL C 236 18.78 -34.34 3.31
CA VAL C 236 18.88 -32.93 2.97
C VAL C 236 17.62 -32.34 2.26
N GLU C 237 17.17 -32.95 1.16
CA GLU C 237 16.00 -32.46 0.43
CA GLU C 237 16.05 -32.44 0.43
C GLU C 237 14.81 -32.36 1.35
N GLY C 238 14.61 -33.39 2.19
CA GLY C 238 13.48 -33.47 3.13
C GLY C 238 13.48 -32.32 4.17
N VAL C 239 14.62 -32.17 4.82
CA VAL C 239 14.82 -31.07 5.81
C VAL C 239 14.63 -29.69 5.14
N HIS C 240 15.19 -29.57 3.95
CA HIS C 240 15.04 -28.32 3.20
C HIS C 240 13.53 -27.97 2.98
N LYS C 241 12.68 -28.95 2.73
CA LYS C 241 11.29 -28.71 2.37
C LYS C 241 10.53 -28.43 3.66
N LEU C 242 10.83 -29.22 4.68
CA LEU C 242 10.14 -29.08 5.97
C LEU C 242 10.53 -27.72 6.61
N LEU C 243 11.83 -27.41 6.69
CA LEU C 243 12.18 -26.20 7.43
C LEU C 243 11.75 -24.98 6.64
N GLY C 244 11.99 -25.04 5.33
CA GLY C 244 11.74 -23.91 4.42
C GLY C 244 10.27 -23.50 4.43
N SER C 245 9.35 -24.47 4.41
CA SER C 245 7.91 -24.23 4.59
C SER C 245 7.60 -23.63 5.97
N TYR C 246 8.18 -24.19 7.01
CA TYR C 246 7.93 -23.79 8.40
C TYR C 246 8.34 -22.33 8.62
N LEU C 247 9.50 -21.94 8.08
CA LEU C 247 10.07 -20.58 8.41
C LEU C 247 9.28 -19.41 7.77
N GLU C 248 8.57 -19.67 6.68
CA GLU C 248 7.80 -18.66 5.95
C GLU C 248 6.81 -17.88 6.78
N GLN C 249 6.39 -18.43 7.91
CA GLN C 249 5.38 -17.80 8.76
C GLN C 249 5.99 -16.64 9.52
N PHE C 250 7.32 -16.62 9.67
CA PHE C 250 7.92 -15.65 10.58
C PHE C 250 8.27 -14.30 9.92
N ASN C 251 8.43 -13.31 10.78
CA ASN C 251 8.71 -11.95 10.30
CA ASN C 251 8.71 -11.92 10.38
C ASN C 251 10.19 -11.73 10.04
N LEU C 252 11.03 -12.69 10.47
CA LEU C 252 12.47 -12.63 10.24
C LEU C 252 13.09 -14.00 10.19
N TYR C 253 13.71 -14.36 9.07
CA TYR C 253 14.26 -15.74 8.97
C TYR C 253 15.25 -15.73 7.83
N ALA C 254 16.16 -16.68 7.86
CA ALA C 254 17.04 -16.98 6.76
C ALA C 254 16.33 -17.85 5.74
N VAL C 255 16.54 -17.47 4.50
CA VAL C 255 16.02 -18.23 3.34
C VAL C 255 17.12 -19.27 2.94
N PHE C 256 17.00 -20.48 3.45
CA PHE C 256 18.03 -21.48 3.21
C PHE C 256 17.98 -22.11 1.83
N THR C 257 19.13 -22.20 1.18
CA THR C 257 19.29 -23.05 0.01
C THR C 257 19.53 -24.49 0.41
N LYS C 258 19.45 -25.45 -0.52
CA LYS C 258 19.74 -26.84 -0.14
CA LYS C 258 19.82 -26.84 -0.26
C LYS C 258 21.20 -27.00 0.35
N GLU C 259 22.15 -26.28 -0.30
CA GLU C 259 23.52 -26.35 0.10
CA GLU C 259 23.58 -26.17 0.05
C GLU C 259 23.74 -25.79 1.52
N GLU C 260 22.99 -24.75 1.87
CA GLU C 260 22.96 -24.24 3.22
C GLU C 260 22.27 -25.21 4.25
N ILE C 261 21.24 -25.94 3.85
CA ILE C 261 20.69 -26.99 4.74
C ILE C 261 21.80 -28.03 5.05
N ALA C 262 22.50 -28.45 4.02
CA ALA C 262 23.53 -29.47 4.21
C ALA C 262 24.56 -28.97 5.17
N HIS C 263 25.02 -27.72 4.96
CA HIS C 263 26.05 -27.16 5.81
C HIS C 263 25.58 -26.99 7.25
N TRP C 264 24.44 -26.31 7.45
CA TRP C 264 24.02 -25.94 8.78
C TRP C 264 23.50 -27.09 9.62
N PHE C 265 23.06 -28.17 8.94
CA PHE C 265 22.36 -29.22 9.64
C PHE C 265 23.02 -30.56 9.70
N LEU C 266 23.80 -30.93 8.72
CA LEU C 266 24.34 -32.33 8.81
C LEU C 266 25.25 -32.42 10.06
N PRO C 267 25.10 -33.46 10.88
CA PRO C 267 25.73 -33.51 12.14
C PRO C 267 27.26 -33.56 12.12
N ILE C 268 27.83 -32.85 13.08
CA ILE C 268 29.28 -32.80 13.35
C ILE C 268 29.36 -32.90 14.86
N GLU C 269 29.94 -34.03 15.34
CA GLU C 269 30.11 -34.24 16.79
CA GLU C 269 30.14 -34.27 16.78
C GLU C 269 30.70 -33.04 17.50
N ASN C 270 30.07 -32.71 18.62
CA ASN C 270 30.43 -31.60 19.48
C ASN C 270 30.30 -30.23 18.78
N VAL C 271 29.55 -30.15 17.68
CA VAL C 271 29.30 -28.84 17.04
C VAL C 271 27.76 -28.68 16.81
N ILE C 272 27.23 -29.57 15.98
CA ILE C 272 25.84 -29.42 15.54
C ILE C 272 25.18 -30.83 15.55
N TYR C 273 23.98 -30.86 16.09
CA TYR C 273 23.19 -32.09 16.21
C TYR C 273 21.86 -31.86 15.58
N THR C 274 21.56 -32.75 14.64
CA THR C 274 20.27 -32.68 13.95
C THR C 274 19.68 -34.05 13.85
N TYR C 275 18.41 -34.20 14.25
CA TYR C 275 17.71 -35.47 14.24
C TYR C 275 16.44 -35.32 13.43
N VAL C 276 16.08 -36.45 12.75
CA VAL C 276 14.89 -36.42 11.88
C VAL C 276 13.99 -37.61 12.15
N ASN C 277 12.74 -37.41 11.90
CA ASN C 277 11.70 -38.46 11.82
C ASN C 277 11.28 -38.68 10.35
N GLU C 278 11.65 -39.84 9.78
CA GLU C 278 11.29 -40.18 8.39
C GLU C 278 10.11 -41.15 8.45
N GLU C 279 8.98 -40.70 7.91
CA GLU C 279 7.77 -41.46 7.93
C GLU C 279 7.37 -41.58 6.48
N ASN C 280 7.48 -42.83 6.03
CA ASN C 280 7.68 -43.31 4.66
C ASN C 280 9.06 -42.97 4.01
N GLY C 281 9.11 -41.98 3.10
CA GLY C 281 10.34 -41.42 2.59
C GLY C 281 10.29 -39.90 2.71
N LYS C 282 9.40 -39.42 3.58
CA LYS C 282 9.21 -38.00 3.80
C LYS C 282 9.74 -37.62 5.22
N ILE C 283 10.42 -36.48 5.34
CA ILE C 283 10.91 -36.07 6.68
C ILE C 283 9.80 -35.24 7.30
N LYS C 284 9.24 -35.65 8.46
CA LYS C 284 8.04 -34.99 9.02
C LYS C 284 8.28 -34.20 10.27
N ASP C 285 9.45 -34.46 10.88
CA ASP C 285 9.81 -33.78 12.15
C ASP C 285 11.34 -33.65 12.18
N MET C 286 11.79 -32.55 12.82
CA MET C 286 13.23 -32.36 13.06
C MET C 286 13.52 -31.62 14.35
N ILE C 287 14.68 -31.97 14.90
CA ILE C 287 15.19 -31.37 16.11
C ILE C 287 16.64 -31.03 15.81
N SER C 288 17.05 -29.86 16.27
CA SER C 288 18.48 -29.51 16.14
C SER C 288 18.88 -28.61 17.29
N PHE C 289 20.18 -28.77 17.64
CA PHE C 289 20.81 -27.97 18.69
C PHE C 289 22.34 -27.95 18.43
N TYR C 290 23.00 -26.90 18.84
CA TYR C 290 24.42 -26.79 18.70
C TYR C 290 25.10 -26.78 20.05
N SER C 291 26.39 -27.18 20.07
CA SER C 291 27.11 -27.33 21.27
C SER C 291 27.98 -26.08 21.46
N LEU C 292 27.82 -25.41 22.60
CA LEU C 292 28.60 -24.19 22.93
C LEU C 292 28.97 -24.22 24.45
N PRO C 293 30.20 -24.72 24.75
CA PRO C 293 30.59 -24.81 26.13
C PRO C 293 30.81 -23.47 26.70
N SER C 294 30.77 -23.36 28.04
CA SER C 294 31.35 -22.16 28.70
C SER C 294 32.43 -22.60 29.64
N GLN C 295 33.48 -21.78 29.70
CA GLN C 295 34.53 -21.92 30.69
C GLN C 295 33.91 -21.47 32.02
N ILE C 296 34.10 -22.30 33.08
CA ILE C 296 33.71 -21.89 34.44
C ILE C 296 34.84 -21.08 35.06
N LEU C 297 34.53 -19.84 35.43
CA LEU C 297 35.61 -18.93 35.78
C LEU C 297 35.83 -19.00 37.29
N GLY C 298 37.06 -19.27 37.66
CA GLY C 298 37.49 -19.11 39.06
C GLY C 298 37.05 -20.27 39.94
N ASN C 299 36.47 -21.27 39.30
CA ASN C 299 35.95 -22.44 39.97
C ASN C 299 36.96 -23.56 39.82
N ASP C 300 37.45 -24.08 40.95
CA ASP C 300 38.51 -25.09 41.00
C ASP C 300 38.03 -26.59 41.02
N LYS C 301 36.71 -26.79 41.03
CA LYS C 301 36.12 -28.14 41.01
CA LYS C 301 36.08 -28.15 41.01
C LYS C 301 35.60 -28.50 39.59
N TYR C 302 34.87 -27.56 38.97
CA TYR C 302 34.38 -27.70 37.59
C TYR C 302 34.97 -26.67 36.64
N SER C 303 35.42 -27.14 35.49
CA SER C 303 36.10 -26.22 34.62
C SER C 303 35.34 -25.90 33.31
N THR C 304 34.44 -26.78 32.83
CA THR C 304 33.64 -26.55 31.60
C THR C 304 32.18 -26.87 31.89
N LEU C 305 31.29 -26.01 31.42
CA LEU C 305 29.88 -26.31 31.32
C LEU C 305 29.58 -26.78 29.89
N ASN C 306 29.10 -27.97 29.73
CA ASN C 306 28.77 -28.49 28.42
CA ASN C 306 28.82 -28.50 28.38
C ASN C 306 27.31 -28.21 28.17
N ALA C 307 27.03 -27.37 27.20
CA ALA C 307 25.70 -26.76 27.01
C ALA C 307 25.19 -26.90 25.55
N ALA C 308 23.95 -27.32 25.38
CA ALA C 308 23.30 -27.40 24.07
C ALA C 308 22.36 -26.23 23.94
N TYR C 309 22.31 -25.66 22.72
CA TYR C 309 21.51 -24.44 22.39
C TYR C 309 20.48 -24.85 21.33
N SER C 310 19.20 -24.69 21.64
CA SER C 310 18.12 -25.01 20.69
C SER C 310 18.32 -24.23 19.39
N PHE C 311 18.22 -24.88 18.22
CA PHE C 311 18.51 -24.19 16.91
C PHE C 311 17.18 -24.16 16.16
N TYR C 312 16.88 -25.20 15.37
CA TYR C 312 15.63 -25.28 14.59
C TYR C 312 14.85 -26.61 14.82
N ASN C 313 13.56 -26.53 15.21
CA ASN C 313 12.74 -27.67 15.65
C ASN C 313 11.37 -27.53 15.01
N VAL C 314 10.94 -28.58 14.28
CA VAL C 314 9.67 -28.55 13.58
C VAL C 314 9.00 -29.90 13.75
N THR C 315 7.69 -29.87 14.01
CA THR C 315 7.00 -31.14 14.16
C THR C 315 5.72 -31.06 13.41
N THR C 316 5.43 -32.10 12.65
CA THR C 316 4.10 -32.22 11.96
C THR C 316 3.37 -33.50 12.32
N THR C 317 4.00 -34.36 13.12
CA THR C 317 3.39 -35.60 13.63
C THR C 317 3.18 -35.64 15.16
N ALA C 318 3.61 -34.61 15.89
CA ALA C 318 3.55 -34.59 17.35
C ALA C 318 3.16 -33.23 17.86
N THR C 319 3.02 -33.08 19.17
CA THR C 319 2.85 -31.72 19.69
C THR C 319 4.23 -31.10 19.79
N PHE C 320 4.31 -29.77 19.70
CA PHE C 320 5.59 -29.10 19.97
C PHE C 320 6.19 -29.45 21.33
N LYS C 321 5.32 -29.60 22.34
CA LYS C 321 5.77 -30.01 23.67
C LYS C 321 6.56 -31.36 23.64
N GLN C 322 5.96 -32.37 22.96
CA GLN C 322 6.51 -33.68 22.74
C GLN C 322 7.85 -33.63 21.99
N LEU C 323 7.86 -32.80 20.93
CA LEU C 323 9.10 -32.57 20.21
C LEU C 323 10.22 -31.95 21.10
N MET C 324 9.91 -30.87 21.82
CA MET C 324 10.97 -30.30 22.68
C MET C 324 11.36 -31.18 23.86
N GLN C 325 10.41 -32.00 24.34
CA GLN C 325 10.76 -32.99 25.33
C GLN C 325 11.82 -33.96 24.80
N ASP C 326 11.66 -34.38 23.55
CA ASP C 326 12.61 -35.24 22.87
C ASP C 326 13.95 -34.60 22.60
N ALA C 327 13.95 -33.30 22.30
CA ALA C 327 15.20 -32.50 22.13
C ALA C 327 15.97 -32.52 23.45
N ILE C 328 15.26 -32.26 24.58
CA ILE C 328 15.90 -32.37 25.93
C ILE C 328 16.57 -33.75 26.16
N LEU C 329 15.84 -34.84 25.80
CA LEU C 329 16.35 -36.21 26.10
C LEU C 329 17.60 -36.45 25.20
N LEU C 330 17.53 -35.96 23.98
CA LEU C 330 18.57 -36.14 23.01
C LEU C 330 19.86 -35.36 23.45
N ALA C 331 19.66 -34.19 24.04
CA ALA C 331 20.77 -33.46 24.68
C ALA C 331 21.32 -34.23 25.90
N LYS C 332 20.40 -34.80 26.67
CA LYS C 332 20.83 -35.56 27.85
C LYS C 332 21.64 -36.73 27.37
N ARG C 333 21.15 -37.44 26.36
CA ARG C 333 21.87 -38.60 25.87
C ARG C 333 23.28 -38.27 25.32
N ASN C 334 23.47 -37.04 24.85
CA ASN C 334 24.73 -36.63 24.22
C ASN C 334 25.61 -35.85 25.21
N ASN C 335 25.29 -36.03 26.50
CA ASN C 335 26.07 -35.66 27.69
CA ASN C 335 26.20 -35.67 27.58
C ASN C 335 26.12 -34.20 27.99
N PHE C 336 25.09 -33.49 27.57
CA PHE C 336 24.98 -32.08 27.93
C PHE C 336 24.49 -31.83 29.34
N ASP C 337 24.96 -30.72 29.97
CA ASP C 337 24.58 -30.42 31.39
C ASP C 337 23.30 -29.56 31.44
N VAL C 338 22.97 -28.89 30.35
CA VAL C 338 21.94 -27.83 30.33
C VAL C 338 21.49 -27.69 28.86
N PHE C 339 20.23 -27.21 28.63
CA PHE C 339 19.67 -27.09 27.30
C PHE C 339 19.01 -25.73 27.34
N ASN C 340 19.45 -24.87 26.44
CA ASN C 340 19.16 -23.45 26.45
C ASN C 340 18.30 -23.11 25.27
N ALA C 341 17.31 -22.24 25.43
CA ALA C 341 16.48 -21.89 24.30
C ALA C 341 16.05 -20.42 24.46
N LEU C 342 15.72 -19.77 23.34
CA LEU C 342 15.24 -18.35 23.28
C LEU C 342 13.69 -18.35 23.13
N GLU C 343 13.01 -17.29 23.58
CA GLU C 343 11.55 -17.16 23.30
C GLU C 343 11.16 -16.83 21.89
N VAL C 344 11.82 -17.45 20.92
CA VAL C 344 11.52 -17.28 19.52
C VAL C 344 10.70 -18.46 18.98
N MET C 345 10.13 -18.26 17.79
CA MET C 345 9.34 -19.30 17.09
C MET C 345 8.28 -19.76 18.13
N GLN C 346 8.13 -21.07 18.31
CA GLN C 346 7.09 -21.65 19.20
C GLN C 346 7.60 -21.96 20.58
N ASN C 347 8.85 -21.61 20.88
CA ASN C 347 9.45 -22.01 22.11
C ASN C 347 8.75 -21.59 23.40
N LYS C 348 8.30 -20.34 23.48
CA LYS C 348 7.75 -19.89 24.78
CA LYS C 348 7.73 -19.89 24.78
C LYS C 348 6.61 -20.82 25.29
N SER C 349 5.81 -21.31 24.36
CA SER C 349 4.62 -22.18 24.66
C SER C 349 4.92 -23.46 25.43
N VAL C 350 6.17 -23.91 25.44
CA VAL C 350 6.54 -25.16 26.09
C VAL C 350 7.32 -24.97 27.39
N PHE C 351 7.76 -23.72 27.69
CA PHE C 351 8.67 -23.53 28.79
C PHE C 351 8.13 -23.83 30.19
N GLU C 352 6.89 -23.36 30.49
CA GLU C 352 6.30 -23.64 31.78
CA GLU C 352 6.27 -23.65 31.79
C GLU C 352 6.27 -25.17 31.96
N ASP C 353 5.58 -25.88 31.06
CA ASP C 353 5.47 -27.38 31.18
C ASP C 353 6.74 -28.17 31.08
N LEU C 354 7.72 -27.71 30.28
CA LEU C 354 8.98 -28.49 30.24
C LEU C 354 10.03 -28.14 31.30
N LYS C 355 9.64 -27.30 32.27
CA LYS C 355 10.45 -26.99 33.46
C LYS C 355 11.65 -26.11 33.18
N PHE C 356 11.57 -25.29 32.14
CA PHE C 356 12.61 -24.26 31.86
C PHE C 356 12.53 -23.11 32.84
N GLY C 357 13.70 -22.76 33.40
CA GLY C 357 13.90 -21.52 34.20
C GLY C 357 14.20 -20.32 33.34
N GLU C 358 13.50 -19.21 33.58
CA GLU C 358 13.81 -17.94 32.93
C GLU C 358 15.24 -17.53 33.30
N GLY C 359 16.04 -17.10 32.30
CA GLY C 359 17.40 -16.62 32.60
C GLY C 359 17.41 -15.18 33.14
N ASP C 360 18.56 -14.53 33.26
CA ASP C 360 18.50 -13.13 33.80
C ASP C 360 18.62 -12.02 32.78
N GLY C 361 18.59 -12.39 31.51
CA GLY C 361 18.68 -11.40 30.49
C GLY C 361 18.16 -11.87 29.17
N SER C 362 18.55 -11.12 28.16
CA SER C 362 17.94 -11.27 26.88
C SER C 362 18.96 -11.02 25.78
N LEU C 363 18.56 -11.46 24.58
CA LEU C 363 19.36 -11.31 23.36
C LEU C 363 18.53 -10.39 22.51
N LYS C 364 19.21 -9.36 22.02
CA LYS C 364 18.59 -8.38 21.18
C LYS C 364 18.95 -8.65 19.73
N TYR C 365 17.97 -8.55 18.87
CA TYR C 365 18.25 -8.83 17.43
C TYR C 365 18.30 -7.46 16.77
N TYR C 366 19.30 -7.32 15.90
CA TYR C 366 19.51 -6.09 15.17
C TYR C 366 19.71 -6.26 13.66
N LEU C 367 19.24 -5.25 12.93
CA LEU C 367 19.60 -5.01 11.53
C LEU C 367 20.39 -3.73 11.34
N TYR C 368 21.31 -3.78 10.38
CA TYR C 368 22.05 -2.60 9.96
C TYR C 368 21.52 -2.07 8.63
N ASN C 369 21.25 -0.77 8.57
CA ASN C 369 20.69 -0.16 7.36
C ASN C 369 19.34 -0.74 6.88
N TRP C 370 18.49 -0.96 7.88
CA TRP C 370 17.08 -1.39 7.63
C TRP C 370 16.19 -0.78 8.65
N LYS C 371 15.15 -0.10 8.16
CA LYS C 371 14.10 0.48 8.98
C LYS C 371 12.80 -0.40 8.87
N CYS C 372 12.23 -0.76 10.00
CA CYS C 372 11.00 -1.53 10.01
C CYS C 372 10.45 -1.54 11.43
N ALA C 373 9.16 -1.76 11.55
CA ALA C 373 8.50 -2.08 12.84
C ALA C 373 9.18 -3.18 13.60
N SER C 374 9.41 -2.92 14.89
CA SER C 374 9.89 -3.96 15.77
C SER C 374 8.75 -4.92 16.02
N PHE C 375 9.12 -6.06 16.57
CA PHE C 375 8.09 -7.07 16.78
C PHE C 375 8.41 -7.99 17.92
N ALA C 376 7.37 -8.70 18.39
CA ALA C 376 7.56 -9.60 19.48
C ALA C 376 8.38 -10.85 19.07
N PRO C 377 9.05 -11.49 20.02
CA PRO C 377 9.99 -12.60 19.54
C PRO C 377 9.42 -13.90 19.00
N ALA C 378 8.12 -14.15 19.25
CA ALA C 378 7.33 -15.25 18.64
C ALA C 378 7.38 -15.13 17.14
N HIS C 379 7.61 -13.91 16.65
CA HIS C 379 7.77 -13.62 15.26
C HIS C 379 9.17 -13.71 14.68
N VAL C 380 10.16 -13.95 15.51
CA VAL C 380 11.56 -14.22 15.01
C VAL C 380 11.66 -15.73 14.66
N GLY C 381 12.24 -16.00 13.51
CA GLY C 381 12.36 -17.30 12.94
C GLY C 381 13.82 -17.53 12.57
N ILE C 382 14.74 -16.92 13.29
CA ILE C 382 16.22 -17.12 13.06
C ILE C 382 16.94 -17.25 14.39
N VAL C 383 17.96 -18.10 14.43
CA VAL C 383 18.76 -18.26 15.63
C VAL C 383 20.17 -18.18 15.17
N LEU C 384 20.87 -17.19 15.74
CA LEU C 384 22.29 -17.07 15.43
C LEU C 384 23.18 -17.94 16.29
N LEU C 385 24.45 -18.02 15.87
CA LEU C 385 25.46 -18.88 16.61
C LEU C 385 26.07 -18.14 17.83
S1 NHW D . -17.09 28.46 4.17
C2 NHW D . -18.46 29.36 5.03
C3 NHW D . -18.36 30.87 4.88
N4 NHW D . -19.47 31.46 5.65
C5 NHW D . -20.65 31.65 5.04
O5 NHW D . -20.85 31.27 3.89
C6 NHW D . -21.79 32.16 5.96
C7 NHW D . -22.84 33.00 5.14
N8 NHW D . -22.14 34.10 4.50
C9 NHW D . -21.57 35.15 5.10
O9 NHW D . -21.50 35.28 6.33
CP NHW D . -16.23 27.97 5.67
C10 NHW D . -20.92 36.12 4.16
O10 NHW D . -21.47 35.97 2.84
C11 NHW D . -19.39 36.00 4.06
C12 NHW D . -18.84 36.89 2.94
C13 NHW D . -18.94 34.62 3.70
C14 NHW D . -18.74 36.37 5.34
N1A NHW D . -14.19 32.33 1.87
O1A NHW D . -18.35 41.94 0.59
P1A NHW D . -17.83 40.92 1.50
C1M NHW D . -15.30 29.09 6.19
O1M NHW D . -15.70 29.80 7.14
C1X NHW D . -14.84 36.76 -0.62
C2A NHW D . -13.26 33.20 1.46
O2A NHW D . -17.69 41.23 2.93
P2A NHW D . -19.98 39.18 2.19
C2M NHW D . -14.00 29.34 5.40
C2X NHW D . -15.46 37.14 -1.96
O2X NHW D . -15.02 36.19 -2.97
N3A NHW D . -13.56 34.31 0.79
O3A NHW D . -18.85 39.68 1.26
C3M NHW D . -13.47 30.77 5.48
C3X NHW D . -14.98 38.57 -2.11
O3X NHW D . -13.60 38.61 -2.54
P3X NHW D . -13.26 39.02 -4.03
C4A NHW D . -14.88 34.61 0.56
O4A NHW D . -20.62 40.27 2.99
C4M NHW D . -12.22 30.89 4.74
C4X NHW D . -15.01 39.13 -0.69
O4X NHW D . -15.18 37.94 0.20
C5A NHW D . -15.90 33.74 1.00
O5A NHW D . -20.78 38.27 1.32
C5M NHW D . -11.78 32.37 4.71
C5X NHW D . -16.35 39.88 -0.48
O5X NHW D . -16.41 40.33 0.84
C6A NHW D . -15.54 32.56 1.68
N6A NHW D . -16.48 31.65 2.10
O6A NHW D . -19.21 38.26 3.26
C6M NHW D . -10.51 32.66 3.95
N7A NHW D . -17.11 34.29 0.63
O7A NHW D . -11.68 38.77 -4.23
C7M NHW D . -9.31 32.16 4.90
C8A NHW D . -16.80 35.44 0.00
O8A NHW D . -14.11 37.96 -4.85
C8M NHW D . -7.99 32.28 4.16
N9A NHW D . -15.49 35.62 -0.05
O9A NHW D . -13.75 40.34 -4.43
C9M NHW D . -6.77 31.87 5.06
CAM NHW D . -6.41 32.98 6.11
CBM NHW D . -5.30 32.67 7.07
CCM NHW D . -3.93 32.58 6.39
CDM NHW D . -2.90 32.19 7.46
CEM NHW D . -1.52 31.89 6.79
CL 7Y6 E . -20.84 15.58 3.66
C12 7Y6 E . -21.32 17.26 3.43
C11 7Y6 E . -22.49 17.46 2.74
C10 7Y6 E . -22.86 18.78 2.55
C13 7Y6 E . -20.49 18.23 3.92
C14 7Y6 E . -20.82 19.54 3.71
O2 7Y6 E . -19.95 20.47 4.29
C15 7Y6 E . -19.58 20.32 5.69
C19 7Y6 E . -18.10 20.55 5.91
C18 7Y6 E . -17.68 21.99 5.67
N2 7Y6 E . -18.32 22.85 6.69
C17 7Y6 E . -19.78 22.69 6.61
C16 7Y6 E . -20.23 21.24 6.73
C9 7Y6 E . -22.03 19.80 3.06
C8 7Y6 E . -22.56 21.10 2.64
O1 7Y6 E . -21.66 22.03 2.43
N 7Y6 E . -23.41 23.51 1.65
N1 7Y6 E . -23.77 21.29 2.30
C7 7Y6 E . -24.20 22.45 1.83
C6 7Y6 E . -25.67 22.64 1.57
C5 7Y6 E . -26.37 23.02 2.86
C4 7Y6 E . -26.09 24.24 3.51
C3 7Y6 E . -26.74 24.52 4.69
C2 7Y6 E . -27.70 23.65 5.23
C20 7Y6 E . -27.31 22.11 3.39
C1 7Y6 E . -27.98 22.45 4.59
O 7Y6 E . -28.95 21.69 5.19
C 7Y6 E . -29.42 20.48 4.57
S SO4 F . -19.77 10.52 -11.65
O1 SO4 F . -20.36 11.79 -11.19
O2 SO4 F . -19.96 10.48 -13.11
O3 SO4 F . -20.54 9.43 -10.98
O4 SO4 F . -18.31 10.40 -11.38
MG MG G . -19.67 42.65 4.12
CL CL H . -4.62 46.07 3.30
S DMS I . -9.15 19.16 12.32
O DMS I . -8.89 18.97 10.86
C1 DMS I . -10.86 19.15 12.69
C2 DMS I . -8.50 17.69 12.93
S1 NHW J . -15.27 -9.31 -24.65
C2 NHW J . -16.02 -9.51 -26.33
C3 NHW J . -16.56 -10.96 -26.59
N4 NHW J . -17.01 -11.07 -27.96
C5 NHW J . -18.16 -10.52 -28.39
O5 NHW J . -18.92 -9.82 -27.70
C6 NHW J . -18.47 -10.79 -29.91
C7 NHW J . -19.93 -10.86 -30.23
N8 NHW J . -20.56 -11.90 -29.44
C9 NHW J . -20.21 -13.18 -29.74
O9 NHW J . -19.37 -13.54 -30.59
CP NHW J . -13.35 -9.69 -24.76
C10 NHW J . -21.05 -14.15 -28.90
O10 NHW J . -22.23 -13.47 -28.24
C11 NHW J . -20.13 -14.69 -27.74
C12 NHW J . -21.03 -15.50 -26.76
C13 NHW J . -19.52 -13.54 -26.90
C14 NHW J . -19.03 -15.66 -28.30
N1A NHW J . -17.14 -13.55 -21.84
O1A NHW J . -24.77 -19.64 -25.76
P1A NHW J . -23.40 -19.05 -25.97
C1M NHW J . -13.11 -11.16 -24.83
O1M NHW J . -12.96 -11.73 -25.92
C1X NHW J . -21.27 -16.47 -21.57
C2A NHW J . -17.34 -14.64 -21.15
O2A NHW J . -22.46 -19.70 -27.00
P2A NHW J . -23.25 -16.67 -27.50
C2M NHW J . -13.16 -11.88 -23.46
C2X NHW J . -22.70 -16.27 -21.17
O2X NHW J . -22.69 -15.56 -19.94
N3A NHW J . -18.48 -15.27 -21.15
O3A NHW J . -23.52 -17.45 -26.22
C3M NHW J . -13.60 -13.33 -23.50
C3X NHW J . -23.18 -17.71 -21.02
O3X NHW J . -22.68 -18.26 -19.79
P3X NHW J . -23.88 -18.39 -18.61
C4A NHW J . -19.46 -14.82 -21.99
O4A NHW J . -23.85 -15.38 -27.17
C4M NHW J . -13.56 -13.87 -22.07
C4X NHW J . -22.49 -18.42 -22.16
O4X NHW J . -21.40 -17.49 -22.56
C5A NHW J . -19.25 -13.68 -22.78
O5A NHW J . -23.51 -17.41 -28.71
C5M NHW J . -13.91 -15.40 -22.09
C5X NHW J . -23.44 -18.59 -23.38
O5X NHW J . -22.74 -19.08 -24.54
C6A NHW J . -18.04 -13.03 -22.70
N6A NHW J . -17.74 -11.94 -23.44
O6A NHW J . -21.64 -16.57 -27.47
C6M NHW J . -13.77 -16.02 -20.69
N7A NHW J . -20.39 -13.45 -23.50
O7A NHW J . -24.30 -16.90 -18.36
C7M NHW J . -12.30 -16.36 -20.38
C8A NHW J . -21.27 -14.41 -23.13
O8A NHW J . -25.03 -19.35 -18.97
C8M NHW J . -12.14 -17.10 -19.05
N9A NHW J . -20.70 -15.25 -22.23
O9A NHW J . -23.13 -18.87 -17.39
C9M NHW J . -10.65 -17.42 -18.77
CAM NHW J . -10.23 -18.68 -19.55
CBM NHW J . -8.78 -19.14 -19.29
CCM NHW J . -8.44 -19.47 -17.86
CDM NHW J . -7.03 -20.05 -17.77
CEM NHW J . -6.67 -20.34 -16.34
CL 7Y6 K . -11.59 3.45 -24.29
C12 7Y6 K . -12.84 2.35 -24.78
C11 7Y6 K . -14.10 2.84 -25.10
C10 7Y6 K . -15.06 1.91 -25.46
C13 7Y6 K . -12.48 0.99 -24.88
C14 7Y6 K . -13.42 0.05 -25.26
O2 7Y6 K . -12.95 -1.28 -25.40
C15 7Y6 K . -11.54 -1.51 -25.78
C19 7Y6 K . -10.79 -2.39 -24.76
C18 7Y6 K . -11.36 -3.80 -24.61
N2 7Y6 K . -11.56 -4.44 -25.93
C17 7Y6 K . -12.09 -3.59 -27.01
C16 7Y6 K . -11.28 -2.28 -27.07
C9 7Y6 K . -14.70 0.57 -25.57
C8 7Y6 K . -15.87 -0.22 -25.90
O1 7Y6 K . -15.78 -1.35 -25.23
N 7Y6 K . -18.17 -1.57 -26.31
N1 7Y6 K . -16.82 0.27 -26.56
C7 7Y6 K . -17.97 -0.36 -26.81
C6 7Y6 K . -19.07 0.25 -27.64
C5 7Y6 K . -18.74 -0.03 -29.07
C4 7Y6 K . -18.69 -1.34 -29.52
C3 7Y6 K . -18.34 -1.59 -30.83
C2 7Y6 K . -18.01 -0.53 -31.71
C20 7Y6 K . -18.42 1.04 -29.93
C1 7Y6 K . -18.06 0.81 -31.28
O 7Y6 K . -17.75 1.84 -32.18
C 7Y6 K . -17.98 3.24 -31.87
MG MG L . -23.34 -20.38 -29.54
CL CL M . -17.27 -30.16 -19.09
S DMS N . -0.88 -6.77 -22.74
O DMS N . -1.54 -6.33 -21.45
C1 DMS N . -1.93 -6.50 -24.08
C2 DMS N . 0.44 -5.66 -22.81
S1 NHW O . 27.60 -9.93 20.52
C2 NHW O . 29.27 -10.18 21.30
C3 NHW O . 30.30 -9.05 21.22
N4 NHW O . 31.48 -9.54 21.88
C5 NHW O . 31.70 -9.44 23.15
O5 NHW O . 30.85 -9.07 23.97
C6 NHW O . 33.08 -10.01 23.55
C7 NHW O . 33.63 -9.39 24.84
N8 NHW O . 33.64 -7.91 24.67
C9 NHW O . 34.46 -7.30 23.84
O9 NHW O . 35.24 -7.91 23.14
CP NHW O . 27.68 -10.83 18.92
C10 NHW O . 34.40 -5.76 23.71
O10 NHW O . 33.75 -5.19 24.84
C11 NHW O . 33.69 -5.31 22.45
C12 NHW O . 33.51 -3.77 22.51
C13 NHW O . 32.31 -6.01 22.34
C14 NHW O . 34.55 -5.65 21.26
N1A NHW O . 27.88 -4.81 19.19
O1A NHW O . 35.58 1.40 23.08
P1A NHW O . 35.10 0.31 22.28
C1M NHW O . 28.55 -10.12 17.85
O1M NHW O . 29.77 -10.37 17.75
C1X NHW O . 29.95 -0.36 20.77
C2A NHW O . 27.88 -3.65 18.57
O2A NHW O . 35.99 -0.26 21.26
P2A NHW O . 35.03 -2.22 23.88
C2M NHW O . 27.84 -9.02 17.10
C2X NHW O . 29.52 0.62 21.84
O2X NHW O . 28.09 0.72 21.92
N3A NHW O . 28.43 -2.58 19.15
O3A NHW O . 34.44 -0.81 23.37
C3M NHW O . 28.75 -7.91 16.77
C3X NHW O . 30.32 1.88 21.52
O3X NHW O . 29.61 2.53 20.54
P3X NHW O . 28.78 3.89 21.03
C4A NHW O . 29.07 -2.66 20.36
O4A NHW O . 36.48 -2.19 24.12
C4M NHW O . 28.04 -6.75 16.03
C4X NHW O . 31.59 1.27 20.96
O4X NHW O . 31.28 -0.21 20.75
C5A NHW O . 29.08 -3.87 21.03
O5A NHW O . 34.09 -2.50 25.04
C5M NHW O . 28.89 -5.50 15.70
C5X NHW O . 32.67 1.33 22.04
O5X NHW O . 33.82 0.73 21.45
C6A NHW O . 28.42 -4.95 20.42
N6A NHW O . 28.38 -6.17 20.95
O6A NHW O . 34.83 -3.18 22.61
C6M NHW O . 28.05 -4.60 14.81
N7A NHW O . 29.73 -3.69 22.17
O7A NHW O . 28.11 4.47 19.88
C7M NHW O . 27.86 -5.09 13.39
C8A NHW O . 30.13 -2.39 22.24
O8A NHW O . 27.74 3.35 22.00
C8M NHW O . 27.18 -3.97 12.50
N9A NHW O . 29.70 -1.75 21.16
O9A NHW O . 29.81 4.77 21.70
C9M NHW O . 27.05 -4.55 11.05
CAM NHW O . 28.34 -4.26 10.25
CBM NHW O . 28.33 -4.72 8.74
CCM NHW O . 27.35 -3.81 7.94
CDM NHW O . 27.26 -4.37 6.53
CEM NHW O . 26.34 -3.57 5.55
CL 7Y6 P . 19.49 -19.70 24.16
C12 7Y6 P . 20.72 -18.55 24.65
C11 7Y6 P . 20.72 -18.19 25.98
C10 7Y6 P . 21.65 -17.26 26.35
C13 7Y6 P . 21.61 -18.03 23.70
C14 7Y6 P . 22.54 -17.09 24.05
O2 7Y6 P . 23.43 -16.64 23.08
C15 7Y6 P . 23.82 -17.48 21.97
C19 7Y6 P . 23.40 -16.87 20.65
C18 7Y6 P . 24.03 -15.48 20.55
N2 7Y6 P . 25.52 -15.56 20.57
C17 7Y6 P . 26.10 -16.42 21.64
C16 7Y6 P . 25.33 -17.73 21.88
C9 7Y6 P . 22.55 -16.76 25.40
C8 7Y6 P . 23.37 -15.73 26.02
O1 7Y6 P . 23.48 -14.68 25.24
N 7Y6 P . 24.69 -13.67 27.31
N1 7Y6 P . 23.70 -15.77 27.25
C7 7Y6 P . 24.36 -14.80 27.91
C6 7Y6 P . 24.82 -15.01 29.35
C5 7Y6 P . 26.15 -15.83 29.30
C4 7Y6 P . 27.31 -15.26 28.82
C3 7Y6 P . 28.50 -16.00 28.77
C2 7Y6 P . 28.54 -17.35 29.16
C20 7Y6 P . 26.16 -17.19 29.70
C1 7Y6 P . 27.34 -17.94 29.65
O 7Y6 P . 27.34 -19.26 30.04
C 7Y6 P . 26.20 -19.84 30.72
MG MG Q . 38.62 -0.71 22.56
CL CL R . 35.37 7.17 9.76
S DMS S . 22.82 -19.03 9.71
O DMS S . 21.71 -18.00 9.92
C1 DMS S . 23.71 -19.39 11.16
C2 DMS S . 22.06 -20.47 9.22
#